data_8BE5
#
_entry.id   8BE5
#
_cell.length_a   124.080
_cell.length_b   124.080
_cell.length_c   408.815
_cell.angle_alpha   90.000
_cell.angle_beta   90.000
_cell.angle_gamma   90.000
#
_symmetry.space_group_name_H-M   'I 4 2 2'
#
loop_
_entity.id
_entity.type
_entity.pdbx_description
1 polymer 'Son of sevenless homolog 1'
2 polymer Nanobody75
3 polymer 'Isoform 2B of GTPase KRas'
4 polymer Nanobody22
5 water water
#
loop_
_entity_poly.entity_id
_entity_poly.type
_entity_poly.pdbx_seq_one_letter_code
_entity_poly.pdbx_strand_id
1 'polypeptide(L)'
;MGSSHHHHHHSSGLVPRGSHMEEQMRLPSADVYRFAEPDSEENIIFEENMQPKAGIPIIKAGTVIKLIERLTYHMYADPN
FVRTFLTTYRSFCKPQELLSLIIERFEIPEPEPTEADRIAIENGDQPLSAELKRFRKEYIQPVQLRVLNVCRHWVEHHFY
DFERDAYLLQRMEEFIGTVRGKAMKKWVESITKIIQRKKIARDNGPGHNITFQSSPPTVEWHISRPGHIETFDLLTLHPI
EIARQLTLLESDLYRAVQPSELVGSVWTKEDKEINSPNLLKMIRHTTNLTLWFEKCIVETENLEERVAVVSRIIEILQVF
QELNNFNGVLEVVSAMNSSPVYRLDHTFEQIPSRQKKILEEAHELSEDHYKKYLAKLRSINPPCVPFFGIYLTNILKTEE
GNPEVLKRHGKELINFSKRRKVAEITGEIQQYQNQPYCLRVESDIKRFFENLNPMGNSMEKEFTDYLFNKSLEIEPRNPK
PLPRFPKKYSYPLKSPGVRPSNPRPGT
;
AAZA
2 'polypeptide(L)'
;QVQLVESGGGLVQAGGSLRLSCAASGNILPINVMGWYRQTPGSQRELVATIVTSGGSTAGNTNYVDSVKGRFTISGDNAK
NTVYLQMSSLKPEDTAVYYCNLKTRRAPWATPNNYWGQGTQVTVSSHHHHHHEPEA
;
C
3 'polypeptide(L)'
;MGSSHHHHHHSSGENLYFQGSMTEYKLVVVGAVGVGKSALTIQLIQNHFVDEYDPTIEDSYRKQVVIDGETCLLDILDTA
GQEEYSAMRDQYMRTGEGFLCVFAINNTKSFEDIHHYREQIKRVKDSEDVPMVLVGNKCDLPSRTVDTKQAQDLARSYGI
PFIETSAKTRQGVDDAFYTLVREIRKHKEK
;
R
4 'polypeptide(L)'
;QVQLVESGGGLVQAEGSLRLSCLVSGDIVRSNLMGWYRQAPGKQREFVARINPTGSANYADSVRGRFTISKDNSKKTLYL
QMGSLQPEDTAVYYCRLIQNRDYWGQGTQVTVSSHHHHHHEPEA
;
N
#
# COMPACT_ATOMS: atom_id res chain seq x y z
N PRO A 28 -48.57 7.40 -27.65
CA PRO A 28 -49.18 8.55 -26.98
C PRO A 28 -48.57 9.90 -27.37
N SER A 29 -49.09 10.96 -26.74
CA SER A 29 -48.63 12.34 -27.08
C SER A 29 -47.18 12.55 -26.65
N ALA A 30 -46.49 13.46 -27.32
CA ALA A 30 -45.06 13.71 -27.00
C ALA A 30 -44.96 14.76 -25.90
N ASP A 31 -46.09 15.28 -25.43
CA ASP A 31 -46.04 16.38 -24.43
C ASP A 31 -46.65 16.00 -23.09
N VAL A 32 -47.73 15.20 -23.07
CA VAL A 32 -48.34 14.93 -21.77
C VAL A 32 -47.64 13.67 -21.23
N TYR A 33 -46.71 13.12 -22.00
CA TYR A 33 -45.94 11.96 -21.58
C TYR A 33 -44.57 12.10 -22.22
N ARG A 34 -43.56 12.47 -21.41
CA ARG A 34 -42.27 12.85 -21.95
C ARG A 34 -41.44 11.67 -22.44
N PHE A 35 -41.78 10.48 -21.94
CA PHE A 35 -41.04 9.25 -22.30
C PHE A 35 -41.43 8.80 -23.70
N ALA A 36 -42.10 9.67 -24.45
CA ALA A 36 -42.51 9.34 -25.83
C ALA A 36 -41.60 9.92 -26.92
N GLU A 37 -40.94 11.03 -26.62
CA GLU A 37 -40.07 11.70 -27.62
C GLU A 37 -39.29 10.57 -28.30
N PRO A 38 -39.35 10.46 -29.64
CA PRO A 38 -38.72 9.34 -30.34
C PRO A 38 -37.19 9.30 -30.16
N ASP A 39 -36.59 8.11 -30.29
CA ASP A 39 -35.12 7.97 -30.19
C ASP A 39 -34.48 8.89 -31.23
N SER A 40 -33.19 9.18 -31.07
CA SER A 40 -32.49 10.05 -32.01
C SER A 40 -31.05 10.20 -31.55
N GLU A 41 -30.20 10.73 -32.43
CA GLU A 41 -28.78 10.81 -32.12
C GLU A 41 -28.46 11.92 -31.15
N GLU A 42 -29.46 12.62 -30.64
CA GLU A 42 -29.30 13.54 -29.53
C GLU A 42 -30.06 13.07 -28.29
N ASN A 43 -30.57 11.84 -28.33
CA ASN A 43 -31.37 11.31 -27.20
C ASN A 43 -30.71 10.06 -26.64
N ILE A 44 -30.12 9.24 -27.50
CA ILE A 44 -29.56 7.94 -27.01
C ILE A 44 -28.54 7.40 -28.00
N ILE A 45 -27.42 6.86 -27.51
CA ILE A 45 -26.41 6.23 -28.34
C ILE A 45 -26.21 4.82 -27.85
N PHE A 46 -26.11 3.88 -28.76
CA PHE A 46 -25.92 2.49 -28.36
C PHE A 46 -24.48 2.10 -28.62
N GLU A 47 -24.07 0.97 -28.06
CA GLU A 47 -22.72 0.50 -28.29
C GLU A 47 -22.76 -0.35 -29.58
N GLU A 48 -21.61 -0.84 -30.06
CA GLU A 48 -21.58 -1.63 -31.28
C GLU A 48 -21.13 -3.07 -31.03
N ASN A 49 -21.62 -3.96 -31.91
CA ASN A 49 -21.51 -5.43 -31.83
C ASN A 49 -22.61 -5.99 -30.93
N ALA A 54 -26.23 -11.54 -31.65
CA ALA A 54 -26.24 -10.06 -31.72
C ALA A 54 -27.69 -9.57 -31.88
N GLY A 55 -28.43 -9.51 -30.76
CA GLY A 55 -29.83 -9.07 -30.81
C GLY A 55 -30.33 -8.60 -29.44
N ILE A 56 -29.75 -7.57 -28.85
CA ILE A 56 -30.28 -6.99 -27.60
C ILE A 56 -29.48 -5.69 -27.42
N PRO A 57 -30.09 -4.48 -27.37
CA PRO A 57 -29.28 -3.26 -27.47
C PRO A 57 -28.56 -2.92 -26.16
N ILE A 58 -27.43 -2.22 -26.30
CA ILE A 58 -26.60 -1.82 -25.16
C ILE A 58 -26.32 -0.32 -25.22
N ILE A 59 -26.73 0.40 -24.18
CA ILE A 59 -26.70 1.86 -24.18
C ILE A 59 -25.30 2.37 -23.93
N LYS A 60 -24.87 3.33 -24.75
CA LYS A 60 -23.60 3.99 -24.52
C LYS A 60 -23.84 5.26 -23.73
N ALA A 61 -24.77 6.08 -24.19
CA ALA A 61 -25.10 7.31 -23.49
C ALA A 61 -26.58 7.55 -23.73
N GLY A 62 -27.11 8.57 -23.07
CA GLY A 62 -28.51 8.87 -23.20
C GLY A 62 -28.87 9.93 -22.19
N THR A 63 -29.78 10.82 -22.58
CA THR A 63 -30.35 11.75 -21.62
C THR A 63 -30.93 10.98 -20.45
N VAL A 64 -31.20 11.66 -19.34
CA VAL A 64 -31.75 10.93 -18.19
C VAL A 64 -33.13 10.37 -18.51
N ILE A 65 -33.97 11.12 -19.24
CA ILE A 65 -35.32 10.64 -19.53
C ILE A 65 -35.25 9.37 -20.37
N LYS A 66 -34.57 9.43 -21.52
CA LYS A 66 -34.30 8.26 -22.33
C LYS A 66 -33.77 7.10 -21.50
N LEU A 67 -32.87 7.38 -20.56
CA LEU A 67 -32.26 6.31 -19.77
C LEU A 67 -33.27 5.63 -18.87
N ILE A 68 -34.26 6.39 -18.36
CA ILE A 68 -35.35 5.77 -17.61
C ILE A 68 -36.23 4.95 -18.54
N GLU A 69 -36.58 5.53 -19.68
CA GLU A 69 -37.41 4.82 -20.65
C GLU A 69 -36.85 3.45 -20.95
N ARG A 70 -35.55 3.37 -21.23
CA ARG A 70 -34.96 2.07 -21.51
C ARG A 70 -34.90 1.19 -20.26
N LEU A 71 -34.84 1.79 -19.08
CA LEU A 71 -34.92 1.03 -17.84
C LEU A 71 -36.29 0.38 -17.64
N THR A 72 -37.31 0.88 -18.34
CA THR A 72 -38.66 0.37 -18.23
C THR A 72 -39.23 0.25 -19.64
N TYR A 73 -38.65 -0.63 -20.45
CA TYR A 73 -39.02 -0.74 -21.85
C TYR A 73 -40.14 -1.76 -22.06
N HIS A 74 -41.12 -1.40 -22.89
CA HIS A 74 -42.24 -2.31 -23.15
C HIS A 74 -41.76 -3.62 -23.77
N MET A 75 -40.87 -3.54 -24.76
CA MET A 75 -40.54 -4.70 -25.59
C MET A 75 -39.81 -5.79 -24.82
N TYR A 76 -38.90 -5.41 -23.93
CA TYR A 76 -38.11 -6.41 -23.21
C TYR A 76 -37.63 -5.83 -21.88
N ALA A 77 -37.29 -6.73 -20.99
CA ALA A 77 -36.66 -6.36 -19.74
C ALA A 77 -35.15 -6.52 -19.90
N ASP A 78 -34.40 -5.64 -19.25
CA ASP A 78 -32.94 -5.67 -19.33
C ASP A 78 -32.38 -5.81 -17.91
N PRO A 79 -32.03 -7.01 -17.45
CA PRO A 79 -31.65 -7.13 -16.04
C PRO A 79 -30.30 -6.50 -15.74
N ASN A 80 -29.34 -6.57 -16.67
CA ASN A 80 -28.02 -6.01 -16.42
C ASN A 80 -28.06 -4.50 -16.44
N PHE A 81 -28.89 -3.91 -17.30
CA PHE A 81 -29.12 -2.48 -17.23
C PHE A 81 -29.71 -2.10 -15.88
N VAL A 82 -30.77 -2.79 -15.46
CA VAL A 82 -31.37 -2.46 -14.17
C VAL A 82 -30.33 -2.56 -13.07
N ARG A 83 -29.58 -3.66 -13.07
CA ARG A 83 -28.55 -3.88 -12.02
C ARG A 83 -27.53 -2.75 -12.07
N THR A 84 -27.00 -2.47 -13.26
CA THR A 84 -25.97 -1.44 -13.38
C THR A 84 -26.52 -0.07 -12.98
N PHE A 85 -27.72 0.28 -13.45
CA PHE A 85 -28.30 1.59 -13.20
C PHE A 85 -28.50 1.85 -11.71
N LEU A 86 -29.24 0.97 -11.01
CA LEU A 86 -29.46 1.17 -9.58
C LEU A 86 -28.15 1.21 -8.79
N THR A 87 -27.05 0.63 -9.30
CA THR A 87 -25.75 0.73 -8.64
C THR A 87 -25.06 2.07 -8.90
N THR A 88 -25.33 2.75 -10.01
CA THR A 88 -24.46 3.86 -10.37
C THR A 88 -25.18 5.18 -10.68
N TYR A 89 -26.48 5.30 -10.45
CA TYR A 89 -27.19 6.48 -10.94
C TYR A 89 -26.91 7.74 -10.11
N ARG A 90 -26.48 7.58 -8.86
CA ARG A 90 -26.53 8.71 -7.93
C ARG A 90 -25.57 9.82 -8.32
N SER A 91 -24.66 9.54 -9.24
CA SER A 91 -23.69 10.48 -9.76
C SER A 91 -24.24 11.33 -10.87
N PHE A 92 -25.46 11.03 -11.38
CA PHE A 92 -26.07 11.85 -12.42
C PHE A 92 -27.53 12.16 -12.19
N CYS A 93 -28.12 11.67 -11.10
CA CYS A 93 -29.54 11.85 -10.81
C CYS A 93 -29.77 11.51 -9.36
N LYS A 94 -30.28 12.46 -8.58
CA LYS A 94 -30.43 12.27 -7.14
C LYS A 94 -31.59 11.32 -6.84
N PRO A 95 -31.53 10.57 -5.73
CA PRO A 95 -32.48 9.45 -5.53
C PRO A 95 -33.93 9.88 -5.53
N GLN A 96 -34.22 11.13 -5.15
CA GLN A 96 -35.60 11.55 -5.15
C GLN A 96 -36.09 11.90 -6.55
N GLU A 97 -35.20 12.46 -7.38
CA GLU A 97 -35.44 12.59 -8.82
C GLU A 97 -35.81 11.26 -9.44
N LEU A 98 -35.02 10.22 -9.16
CA LEU A 98 -35.32 8.89 -9.69
C LEU A 98 -36.74 8.47 -9.39
N LEU A 99 -37.15 8.52 -8.13
CA LEU A 99 -38.52 8.15 -7.79
C LEU A 99 -39.55 8.94 -8.60
N SER A 100 -39.31 10.23 -8.79
CA SER A 100 -40.23 11.04 -9.57
C SER A 100 -40.31 10.56 -11.01
N LEU A 101 -39.14 10.32 -11.61
CA LEU A 101 -39.14 9.81 -13.01
C LEU A 101 -39.90 8.49 -13.03
N ILE A 102 -39.55 7.55 -12.15
CA ILE A 102 -40.22 6.25 -12.10
C ILE A 102 -41.73 6.37 -11.94
N ILE A 103 -42.24 7.46 -11.38
CA ILE A 103 -43.69 7.61 -11.37
C ILE A 103 -44.19 8.23 -12.67
N GLU A 104 -43.54 9.31 -13.14
CA GLU A 104 -43.85 9.81 -14.47
C GLU A 104 -43.92 8.68 -15.48
N ARG A 105 -42.97 7.75 -15.41
CA ARG A 105 -42.99 6.60 -16.30
C ARG A 105 -44.24 5.75 -16.11
N PHE A 106 -44.84 5.77 -14.93
CA PHE A 106 -45.98 4.89 -14.59
C PHE A 106 -47.34 5.50 -14.94
N GLU A 107 -47.44 6.83 -15.04
CA GLU A 107 -48.71 7.51 -15.29
C GLU A 107 -48.92 7.66 -16.80
N ILE A 108 -49.15 6.53 -17.45
CA ILE A 108 -49.32 6.54 -18.90
C ILE A 108 -50.65 7.24 -19.23
N PRO A 109 -50.69 8.17 -20.18
CA PRO A 109 -51.98 8.70 -20.64
C PRO A 109 -52.53 7.90 -21.83
N GLU A 110 -53.81 8.18 -22.15
CA GLU A 110 -54.61 7.49 -23.17
C GLU A 110 -54.82 8.39 -24.40
N PRO A 111 -54.62 7.85 -25.62
CA PRO A 111 -54.76 8.62 -26.87
C PRO A 111 -56.10 9.32 -27.03
N SER A 129 -59.66 2.38 -30.37
CA SER A 129 -60.09 1.39 -29.39
C SER A 129 -59.68 -0.03 -29.79
N ALA A 130 -59.42 -0.23 -31.09
CA ALA A 130 -59.01 -1.55 -31.59
C ALA A 130 -57.50 -1.72 -31.53
N GLU A 131 -56.75 -0.74 -32.04
CA GLU A 131 -55.32 -0.61 -31.84
C GLU A 131 -55.00 0.38 -30.72
N LEU A 132 -55.99 0.69 -29.87
CA LEU A 132 -55.75 1.15 -28.52
C LEU A 132 -55.94 0.04 -27.50
N LYS A 133 -56.51 -1.09 -27.90
CA LYS A 133 -56.49 -2.28 -27.03
C LYS A 133 -55.07 -2.84 -26.95
N ARG A 134 -54.34 -2.87 -28.05
CA ARG A 134 -52.92 -3.31 -27.95
C ARG A 134 -52.23 -2.38 -26.95
N PHE A 135 -52.58 -1.09 -27.01
CA PHE A 135 -51.99 -0.08 -26.14
C PHE A 135 -52.30 -0.33 -24.67
N ARG A 136 -52.40 -1.60 -24.29
CA ARG A 136 -52.69 -1.94 -22.88
C ARG A 136 -52.10 -3.31 -22.65
N LYS A 137 -52.34 -4.22 -23.58
CA LYS A 137 -51.78 -5.58 -23.47
C LYS A 137 -50.28 -5.50 -23.75
N GLU A 138 -49.90 -4.70 -24.74
CA GLU A 138 -48.45 -4.68 -25.11
C GLU A 138 -47.66 -3.50 -24.55
N TYR A 139 -48.30 -2.40 -24.18
CA TYR A 139 -47.50 -1.24 -23.75
C TYR A 139 -47.71 -1.01 -22.25
N ILE A 140 -48.73 -0.23 -21.91
CA ILE A 140 -48.91 0.14 -20.47
C ILE A 140 -48.64 -1.05 -19.56
N GLN A 141 -49.07 -2.25 -19.93
CA GLN A 141 -48.90 -3.39 -18.99
C GLN A 141 -47.40 -3.64 -18.78
N PRO A 142 -46.60 -4.02 -19.80
CA PRO A 142 -45.15 -4.18 -19.61
C PRO A 142 -44.45 -3.01 -18.90
N VAL A 143 -44.69 -1.77 -19.34
CA VAL A 143 -44.07 -0.60 -18.69
C VAL A 143 -44.35 -0.64 -17.20
N GLN A 144 -45.62 -0.49 -16.83
CA GLN A 144 -46.01 -0.49 -15.43
C GLN A 144 -45.47 -1.70 -14.69
N LEU A 145 -45.43 -2.85 -15.35
CA LEU A 145 -44.89 -4.01 -14.68
C LEU A 145 -43.37 -3.89 -14.54
N ARG A 146 -42.73 -3.09 -15.39
CA ARG A 146 -41.29 -2.92 -15.30
C ARG A 146 -40.87 -1.74 -14.44
N VAL A 147 -41.75 -0.77 -14.21
CA VAL A 147 -41.54 0.14 -13.09
C VAL A 147 -41.53 -0.65 -11.77
N LEU A 148 -42.59 -1.40 -11.50
CA LEU A 148 -42.62 -2.14 -10.24
C LEU A 148 -41.46 -3.12 -10.10
N ASN A 149 -40.89 -3.63 -11.19
CA ASN A 149 -39.73 -4.49 -10.99
C ASN A 149 -38.53 -3.66 -10.53
N VAL A 150 -38.37 -2.47 -11.10
CA VAL A 150 -37.38 -1.52 -10.60
C VAL A 150 -37.57 -1.31 -9.11
N CYS A 151 -38.76 -0.83 -8.71
CA CYS A 151 -39.03 -0.56 -7.31
C CYS A 151 -38.67 -1.74 -6.42
N ARG A 152 -38.94 -2.97 -6.87
CA ARG A 152 -38.58 -4.12 -6.05
C ARG A 152 -37.07 -4.26 -5.97
N HIS A 153 -36.38 -4.24 -7.11
CA HIS A 153 -34.92 -4.32 -7.07
C HIS A 153 -34.33 -3.19 -6.26
N TRP A 154 -34.84 -1.97 -6.47
CA TRP A 154 -34.36 -0.81 -5.73
C TRP A 154 -34.44 -1.04 -4.23
N VAL A 155 -35.65 -1.30 -3.74
CA VAL A 155 -35.94 -1.23 -2.32
C VAL A 155 -35.34 -2.47 -1.67
N GLU A 156 -34.69 -3.31 -2.43
CA GLU A 156 -34.23 -4.59 -1.90
C GLU A 156 -32.75 -4.83 -2.02
N HIS A 157 -32.06 -4.18 -2.94
CA HIS A 157 -30.62 -4.32 -3.06
C HIS A 157 -29.86 -3.03 -2.84
N HIS A 158 -30.59 -1.93 -2.65
CA HIS A 158 -30.04 -0.61 -2.43
C HIS A 158 -30.86 0.11 -1.39
N PHE A 159 -31.31 -0.61 -0.38
CA PHE A 159 -32.19 -0.01 0.62
C PHE A 159 -31.56 1.13 1.37
N TYR A 160 -30.22 1.24 1.38
CA TYR A 160 -29.53 2.36 2.00
C TYR A 160 -30.05 3.71 1.51
N ASP A 161 -30.63 3.76 0.31
CA ASP A 161 -31.26 4.98 -0.16
C ASP A 161 -32.39 5.40 0.75
N PHE A 162 -33.10 4.44 1.32
CA PHE A 162 -34.24 4.76 2.16
C PHE A 162 -33.89 4.81 3.63
N GLU A 163 -32.80 4.15 4.05
CA GLU A 163 -32.28 4.35 5.40
C GLU A 163 -31.92 5.82 5.63
N ARG A 164 -31.27 6.44 4.64
CA ARG A 164 -30.74 7.79 4.77
C ARG A 164 -31.74 8.87 4.43
N ASP A 165 -33.00 8.50 4.15
CA ASP A 165 -34.00 9.47 3.68
C ASP A 165 -35.38 8.89 3.97
N ALA A 166 -36.01 9.32 5.07
CA ALA A 166 -37.33 8.79 5.39
C ALA A 166 -38.37 9.24 4.38
N TYR A 167 -38.29 10.48 3.90
CA TYR A 167 -39.27 10.97 2.95
C TYR A 167 -39.23 10.19 1.63
N LEU A 168 -38.03 9.85 1.16
CA LEU A 168 -37.96 8.97 0.00
C LEU A 168 -38.74 7.69 0.25
N LEU A 169 -38.57 7.07 1.42
CA LEU A 169 -39.37 5.89 1.72
C LEU A 169 -40.85 6.21 1.79
N GLN A 170 -41.21 7.40 2.26
CA GLN A 170 -42.61 7.78 2.37
C GLN A 170 -43.27 7.77 1.00
N ARG A 171 -42.74 8.59 0.09
CA ARG A 171 -43.20 8.64 -1.28
C ARG A 171 -43.35 7.24 -1.88
N MET A 172 -42.44 6.32 -1.57
CA MET A 172 -42.53 4.99 -2.16
C MET A 172 -43.74 4.24 -1.64
N GLU A 173 -44.03 4.34 -0.35
CA GLU A 173 -45.19 3.64 0.16
C GLU A 173 -46.48 4.32 -0.31
N GLU A 174 -46.50 5.65 -0.34
CA GLU A 174 -47.55 6.36 -1.06
C GLU A 174 -47.70 5.79 -2.47
N PHE A 175 -46.64 5.86 -3.27
CA PHE A 175 -46.74 5.44 -4.67
C PHE A 175 -47.22 4.01 -4.79
N ILE A 176 -46.69 3.09 -3.98
CA ILE A 176 -47.18 1.73 -4.08
C ILE A 176 -48.56 1.53 -3.48
N GLY A 177 -49.06 2.57 -2.82
CA GLY A 177 -50.47 2.48 -2.38
C GLY A 177 -51.34 2.72 -3.61
N THR A 178 -51.05 3.78 -4.36
CA THR A 178 -51.84 4.11 -5.58
C THR A 178 -51.89 2.90 -6.51
N VAL A 179 -50.93 1.99 -6.37
CA VAL A 179 -50.88 0.82 -7.30
C VAL A 179 -52.12 -0.03 -7.07
N ARG A 180 -52.95 -0.18 -8.10
CA ARG A 180 -54.16 -1.04 -8.00
C ARG A 180 -54.24 -1.88 -9.28
N GLY A 181 -55.15 -2.83 -9.34
CA GLY A 181 -55.20 -3.74 -10.51
C GLY A 181 -54.67 -5.09 -10.09
N LYS A 182 -55.49 -6.13 -10.16
CA LYS A 182 -55.02 -7.40 -9.63
C LYS A 182 -53.84 -7.97 -10.39
N ALA A 183 -53.35 -7.26 -11.42
CA ALA A 183 -52.15 -7.73 -12.13
C ALA A 183 -50.92 -7.46 -11.28
N MET A 184 -50.91 -6.34 -10.55
CA MET A 184 -49.72 -5.95 -9.77
C MET A 184 -50.06 -5.98 -8.28
N LYS A 185 -51.35 -6.12 -7.94
CA LYS A 185 -51.75 -6.04 -6.54
C LYS A 185 -51.04 -7.24 -5.88
N LYS A 186 -50.11 -7.84 -6.61
CA LYS A 186 -49.28 -8.95 -6.17
C LYS A 186 -47.79 -8.64 -6.26
N TRP A 187 -47.40 -7.71 -7.14
CA TRP A 187 -46.09 -7.07 -7.03
C TRP A 187 -46.03 -6.20 -5.79
N VAL A 188 -47.11 -5.44 -5.51
CA VAL A 188 -47.11 -4.60 -4.34
C VAL A 188 -47.16 -5.44 -3.08
N GLU A 189 -47.67 -6.66 -3.15
CA GLU A 189 -47.56 -7.54 -1.99
C GLU A 189 -46.10 -7.94 -1.75
N SER A 190 -45.29 -7.94 -2.80
CA SER A 190 -43.90 -8.37 -2.73
C SER A 190 -43.00 -7.22 -2.26
N ILE A 191 -43.26 -6.00 -2.73
CA ILE A 191 -42.42 -4.87 -2.35
C ILE A 191 -42.66 -4.48 -0.90
N THR A 192 -43.93 -4.46 -0.47
CA THR A 192 -44.23 -4.04 0.90
C THR A 192 -43.73 -5.05 1.93
N LYS A 193 -43.78 -6.35 1.61
CA LYS A 193 -43.10 -7.31 2.48
C LYS A 193 -41.62 -6.98 2.61
N ILE A 194 -40.94 -6.86 1.46
CA ILE A 194 -39.52 -6.49 1.44
C ILE A 194 -39.26 -5.29 2.35
N ILE A 195 -40.04 -4.22 2.17
CA ILE A 195 -39.87 -3.01 2.95
C ILE A 195 -39.87 -3.33 4.45
N GLN A 196 -40.90 -4.03 4.91
CA GLN A 196 -40.97 -4.37 6.33
C GLN A 196 -39.79 -5.23 6.77
N ARG A 197 -39.44 -6.27 6.01
CA ARG A 197 -38.27 -7.07 6.36
C ARG A 197 -37.05 -6.19 6.58
N LYS A 198 -36.84 -5.23 5.66
CA LYS A 198 -35.63 -4.40 5.70
C LYS A 198 -35.63 -3.42 6.87
N LYS A 199 -36.75 -3.26 7.54
CA LYS A 199 -36.88 -2.34 8.68
C LYS A 199 -36.71 -3.05 10.03
N ILE A 200 -35.78 -3.99 10.13
CA ILE A 200 -35.67 -4.78 11.39
C ILE A 200 -34.20 -4.88 11.79
N ALA A 201 -33.43 -3.84 11.51
CA ALA A 201 -32.00 -3.82 11.89
C ALA A 201 -31.85 -4.32 13.33
N ILE A 210 -22.66 -21.08 13.45
CA ILE A 210 -21.80 -20.72 12.29
C ILE A 210 -22.21 -21.57 11.09
N THR A 211 -22.61 -22.82 11.34
CA THR A 211 -23.09 -23.71 10.25
C THR A 211 -21.95 -23.96 9.25
N PHE A 212 -20.84 -24.53 9.72
CA PHE A 212 -19.76 -24.91 8.77
C PHE A 212 -20.28 -26.02 7.86
N GLN A 213 -20.04 -25.89 6.54
CA GLN A 213 -20.48 -26.93 5.59
C GLN A 213 -19.71 -28.22 5.87
N SER A 214 -18.38 -28.12 5.95
CA SER A 214 -17.55 -29.32 6.24
C SER A 214 -17.03 -29.23 7.67
N SER A 215 -16.05 -30.07 8.03
CA SER A 215 -15.45 -30.01 9.38
C SER A 215 -14.19 -29.15 9.32
N PRO A 216 -14.09 -28.04 10.09
CA PRO A 216 -12.85 -27.26 10.14
C PRO A 216 -11.70 -28.11 10.63
N PRO A 217 -10.46 -27.70 10.38
CA PRO A 217 -9.32 -28.42 10.94
C PRO A 217 -9.11 -28.08 12.41
N THR A 218 -8.31 -28.91 13.05
CA THR A 218 -8.03 -28.75 14.45
C THR A 218 -7.15 -27.52 14.67
N VAL A 219 -7.36 -26.83 15.79
CA VAL A 219 -6.80 -25.50 16.05
C VAL A 219 -5.41 -25.59 16.67
N GLU A 220 -4.38 -25.30 15.87
CA GLU A 220 -2.99 -25.49 16.30
C GLU A 220 -2.57 -24.54 17.42
N TRP A 221 -1.94 -25.12 18.43
CA TRP A 221 -1.36 -24.28 19.51
C TRP A 221 0.12 -24.66 19.62
N HIS A 222 1.00 -23.69 19.85
CA HIS A 222 2.44 -23.88 19.94
C HIS A 222 3.22 -23.69 21.24
N ILE A 223 3.36 -22.48 21.75
CA ILE A 223 3.93 -22.30 23.08
C ILE A 223 2.74 -21.87 23.92
N SER A 224 2.13 -20.73 23.56
CA SER A 224 1.08 -20.18 24.40
C SER A 224 -0.05 -21.19 24.53
N ARG A 225 -0.47 -21.43 25.77
CA ARG A 225 -1.54 -22.32 26.21
C ARG A 225 -2.90 -21.62 26.09
N PRO A 226 -3.93 -22.35 25.65
CA PRO A 226 -5.27 -21.75 25.58
C PRO A 226 -5.67 -21.08 26.89
N GLY A 227 -6.22 -19.88 26.78
CA GLY A 227 -6.64 -19.11 27.93
C GLY A 227 -5.60 -18.20 28.52
N HIS A 228 -4.40 -18.13 27.95
CA HIS A 228 -3.32 -17.32 28.51
C HIS A 228 -3.01 -16.16 27.57
N ILE A 229 -3.95 -15.23 27.47
CA ILE A 229 -3.82 -14.14 26.52
C ILE A 229 -2.56 -13.32 26.78
N GLU A 230 -2.05 -13.34 28.01
CA GLU A 230 -0.94 -12.48 28.38
C GLU A 230 0.39 -12.95 27.77
N THR A 231 0.49 -14.21 27.38
CA THR A 231 1.70 -14.69 26.70
C THR A 231 1.64 -14.59 25.19
N PHE A 232 0.45 -14.34 24.62
CA PHE A 232 0.24 -14.26 23.18
C PHE A 232 1.18 -13.24 22.54
N ASP A 233 1.99 -13.69 21.59
CA ASP A 233 2.87 -12.82 20.81
C ASP A 233 3.20 -13.56 19.52
N LEU A 234 3.95 -12.88 18.65
CA LEU A 234 4.28 -13.41 17.33
C LEU A 234 4.93 -14.78 17.44
N LEU A 235 5.97 -14.89 18.28
CA LEU A 235 6.83 -16.07 18.30
C LEU A 235 6.27 -17.21 19.14
N THR A 236 5.30 -16.94 20.02
CA THR A 236 4.72 -17.94 20.90
C THR A 236 3.37 -18.48 20.42
N LEU A 237 2.63 -17.75 19.60
CA LEU A 237 1.46 -18.39 19.03
C LEU A 237 1.90 -19.31 17.88
N HIS A 238 1.03 -20.21 17.51
CA HIS A 238 1.40 -21.13 16.45
C HIS A 238 1.31 -20.41 15.10
N PRO A 239 2.40 -20.37 14.32
CA PRO A 239 2.35 -19.69 13.01
C PRO A 239 1.16 -20.07 12.14
N ILE A 240 0.78 -21.36 12.10
CA ILE A 240 -0.39 -21.74 11.33
C ILE A 240 -1.63 -21.09 11.89
N GLU A 241 -1.71 -20.96 13.21
CA GLU A 241 -2.96 -20.40 13.72
C GLU A 241 -2.99 -18.89 13.62
N ILE A 242 -1.83 -18.25 13.50
CA ILE A 242 -1.80 -16.81 13.24
C ILE A 242 -2.39 -16.52 11.86
N ALA A 243 -1.86 -17.17 10.82
CA ALA A 243 -2.34 -16.92 9.48
C ALA A 243 -3.82 -17.28 9.35
N ARG A 244 -4.23 -18.39 9.98
CA ARG A 244 -5.66 -18.76 9.99
C ARG A 244 -6.50 -17.64 10.59
N GLN A 245 -6.13 -17.18 11.77
CA GLN A 245 -6.96 -16.20 12.48
C GLN A 245 -6.94 -14.86 11.77
N LEU A 246 -5.77 -14.40 11.31
CA LEU A 246 -5.73 -13.14 10.56
C LEU A 246 -6.62 -13.24 9.34
N THR A 247 -6.29 -14.20 8.45
CA THR A 247 -7.09 -14.55 7.27
C THR A 247 -8.58 -14.59 7.60
N LEU A 248 -8.93 -15.16 8.75
CA LEU A 248 -10.33 -15.22 9.16
C LEU A 248 -10.92 -13.83 9.30
N LEU A 249 -10.32 -12.99 10.13
CA LEU A 249 -10.89 -11.65 10.26
C LEU A 249 -10.60 -10.76 9.04
N GLU A 250 -9.49 -10.97 8.34
CA GLU A 250 -9.23 -10.22 7.12
C GLU A 250 -10.30 -10.47 6.07
N SER A 251 -10.75 -11.71 5.95
CA SER A 251 -11.85 -12.03 5.04
C SER A 251 -13.13 -11.35 5.48
N ASP A 252 -13.39 -11.39 6.78
CA ASP A 252 -14.62 -10.78 7.27
C ASP A 252 -14.58 -9.27 7.07
N LEU A 253 -13.40 -8.65 7.18
CA LEU A 253 -13.26 -7.24 6.84
C LEU A 253 -13.55 -7.00 5.37
N TYR A 254 -12.97 -7.83 4.50
CA TYR A 254 -13.16 -7.70 3.07
C TYR A 254 -14.62 -7.82 2.68
N ARG A 255 -15.31 -8.79 3.26
CA ARG A 255 -16.69 -9.05 2.89
C ARG A 255 -17.63 -7.94 3.31
N ALA A 256 -17.23 -7.08 4.25
CA ALA A 256 -18.12 -6.06 4.76
C ALA A 256 -18.28 -4.88 3.83
N VAL A 257 -17.48 -4.79 2.77
CA VAL A 257 -17.43 -3.60 1.96
C VAL A 257 -18.60 -3.63 0.99
N GLN A 258 -19.52 -2.67 1.15
CA GLN A 258 -20.69 -2.46 0.33
C GLN A 258 -20.35 -1.53 -0.83
N PRO A 259 -20.89 -1.78 -2.03
CA PRO A 259 -20.57 -0.92 -3.18
C PRO A 259 -21.05 0.50 -3.01
N SER A 260 -21.89 0.77 -2.02
CA SER A 260 -22.21 2.15 -1.74
C SER A 260 -20.96 2.94 -1.38
N GLU A 261 -19.93 2.24 -0.84
CA GLU A 261 -18.69 2.82 -0.35
C GLU A 261 -17.62 3.01 -1.41
N LEU A 262 -17.78 2.46 -2.60
CA LEU A 262 -16.81 2.60 -3.68
C LEU A 262 -17.29 3.50 -4.80
N VAL A 263 -18.51 3.30 -5.26
CA VAL A 263 -19.00 4.03 -6.42
C VAL A 263 -19.00 5.51 -6.11
N GLY A 264 -18.38 6.28 -7.00
CA GLY A 264 -18.22 7.69 -6.78
C GLY A 264 -16.93 8.08 -6.11
N SER A 265 -15.95 7.18 -6.06
CA SER A 265 -14.65 7.39 -5.39
C SER A 265 -14.80 7.97 -3.98
N VAL A 266 -15.94 7.75 -3.33
CA VAL A 266 -16.30 8.52 -2.17
C VAL A 266 -15.38 8.28 -0.98
N TRP A 267 -14.53 7.27 -1.05
CA TRP A 267 -13.56 7.06 0.01
C TRP A 267 -12.37 8.01 -0.09
N THR A 268 -12.35 8.89 -1.10
CA THR A 268 -11.22 9.79 -1.32
C THR A 268 -11.63 11.25 -1.13
N LYS A 269 -12.73 11.51 -0.42
CA LYS A 269 -13.16 12.89 -0.23
C LYS A 269 -13.72 13.11 1.18
N GLU A 270 -14.12 14.36 1.41
CA GLU A 270 -14.31 14.91 2.76
C GLU A 270 -15.12 14.00 3.66
N ASP A 271 -16.13 13.32 3.11
CA ASP A 271 -16.97 12.46 3.93
C ASP A 271 -16.65 10.99 3.86
N LYS A 272 -15.39 10.65 3.56
CA LYS A 272 -15.03 9.21 3.50
C LYS A 272 -15.43 8.48 4.77
N GLU A 273 -15.38 9.16 5.91
CA GLU A 273 -15.70 8.48 7.16
C GLU A 273 -17.19 8.21 7.33
N ILE A 274 -18.05 9.05 6.78
CA ILE A 274 -19.49 8.81 6.81
C ILE A 274 -19.85 7.71 5.82
N ASN A 275 -19.21 7.70 4.66
CA ASN A 275 -19.60 6.88 3.52
C ASN A 275 -18.75 5.64 3.30
N SER A 276 -17.50 5.64 3.72
CA SER A 276 -16.71 4.47 3.36
C SER A 276 -16.13 3.82 4.60
N PRO A 277 -16.95 3.49 5.58
CA PRO A 277 -16.43 3.15 6.89
C PRO A 277 -15.85 1.74 6.97
N ASN A 278 -16.46 0.77 6.31
CA ASN A 278 -15.91 -0.58 6.41
C ASN A 278 -14.72 -0.81 5.50
N LEU A 279 -14.61 -0.01 4.43
CA LEU A 279 -13.42 -0.06 3.59
C LEU A 279 -12.24 0.50 4.37
N LEU A 280 -12.42 1.66 4.98
CA LEU A 280 -11.37 2.25 5.81
C LEU A 280 -10.98 1.31 6.94
N LYS A 281 -11.96 0.77 7.66
CA LYS A 281 -11.65 -0.22 8.68
C LYS A 281 -10.81 -1.36 8.12
N MET A 282 -11.10 -1.78 6.90
CA MET A 282 -10.34 -2.85 6.28
C MET A 282 -8.93 -2.39 5.91
N ILE A 283 -8.80 -1.17 5.37
CA ILE A 283 -7.47 -0.67 5.03
C ILE A 283 -6.67 -0.41 6.29
N ARG A 284 -7.33 0.08 7.35
CA ARG A 284 -6.56 0.39 8.55
C ARG A 284 -6.10 -0.88 9.24
N HIS A 285 -6.87 -1.96 9.11
CA HIS A 285 -6.41 -3.24 9.64
C HIS A 285 -5.13 -3.67 8.96
N THR A 286 -5.12 -3.70 7.62
CA THR A 286 -3.91 -4.21 7.03
C THR A 286 -2.75 -3.24 7.23
N THR A 287 -3.03 -1.95 7.44
CA THR A 287 -1.91 -1.06 7.75
C THR A 287 -1.32 -1.41 9.09
N ASN A 288 -2.14 -1.83 10.05
CA ASN A 288 -1.61 -2.08 11.37
C ASN A 288 -0.76 -3.36 11.43
N LEU A 289 -1.22 -4.44 10.78
CA LEU A 289 -0.37 -5.63 10.79
C LEU A 289 0.97 -5.39 10.11
N THR A 290 0.95 -4.69 8.97
CA THR A 290 2.21 -4.36 8.32
C THR A 290 3.15 -3.65 9.28
N LEU A 291 2.61 -2.72 10.07
CA LEU A 291 3.44 -1.99 11.02
C LEU A 291 3.84 -2.87 12.18
N TRP A 292 2.94 -3.76 12.60
CA TRP A 292 3.28 -4.67 13.68
C TRP A 292 4.44 -5.58 13.28
N PHE A 293 4.28 -6.28 12.16
CA PHE A 293 5.38 -7.02 11.55
C PHE A 293 6.68 -6.21 11.56
N GLU A 294 6.62 -4.95 11.18
CA GLU A 294 7.83 -4.14 11.18
C GLU A 294 8.35 -3.91 12.59
N LYS A 295 7.46 -3.57 13.52
CA LYS A 295 7.87 -3.32 14.90
C LYS A 295 8.45 -4.59 15.52
N CYS A 296 7.89 -5.74 15.14
CA CYS A 296 8.41 -7.02 15.68
C CYS A 296 9.83 -7.28 15.14
N ILE A 297 10.12 -6.88 13.91
CA ILE A 297 11.43 -7.16 13.37
C ILE A 297 12.47 -6.26 13.99
N VAL A 298 12.30 -4.93 13.87
CA VAL A 298 13.39 -4.01 14.26
C VAL A 298 13.49 -3.79 15.76
N GLU A 299 12.45 -4.13 16.51
CA GLU A 299 12.52 -4.06 17.97
C GLU A 299 13.08 -5.34 18.57
N THR A 300 13.32 -6.37 17.76
CA THR A 300 14.15 -7.51 18.15
C THR A 300 15.59 -7.10 17.84
N GLU A 301 16.25 -6.51 18.84
CA GLU A 301 17.59 -5.95 18.63
C GLU A 301 18.67 -7.03 18.42
N ASN A 302 18.51 -8.22 19.02
CA ASN A 302 19.49 -9.31 18.91
C ASN A 302 19.45 -9.95 17.53
N LEU A 303 20.63 -10.19 16.93
CA LEU A 303 20.65 -10.67 15.54
C LEU A 303 20.06 -12.05 15.42
N GLU A 304 20.28 -12.91 16.40
CA GLU A 304 19.74 -14.26 16.26
C GLU A 304 18.23 -14.29 16.48
N GLU A 305 17.72 -13.56 17.49
CA GLU A 305 16.27 -13.53 17.70
C GLU A 305 15.54 -12.89 16.52
N ARG A 306 16.17 -11.92 15.87
CA ARG A 306 15.56 -11.25 14.74
C ARG A 306 15.42 -12.21 13.56
N VAL A 307 16.46 -12.99 13.27
CA VAL A 307 16.35 -13.93 12.16
C VAL A 307 15.25 -14.94 12.47
N ALA A 308 15.01 -15.21 13.76
CA ALA A 308 13.89 -16.06 14.17
C ALA A 308 12.55 -15.38 13.92
N VAL A 309 12.45 -14.07 14.11
CA VAL A 309 11.20 -13.37 13.89
C VAL A 309 10.92 -13.24 12.40
N VAL A 310 11.91 -12.80 11.62
CA VAL A 310 11.75 -12.73 10.17
C VAL A 310 11.37 -14.09 9.62
N SER A 311 12.06 -15.12 10.10
CA SER A 311 11.73 -16.48 9.67
C SER A 311 10.27 -16.81 9.96
N ARG A 312 9.80 -16.50 11.18
CA ARG A 312 8.43 -16.88 11.53
C ARG A 312 7.43 -16.10 10.71
N ILE A 313 7.77 -14.87 10.30
CA ILE A 313 6.86 -14.07 9.48
C ILE A 313 6.76 -14.66 8.07
N ILE A 314 7.91 -14.99 7.46
CA ILE A 314 7.90 -15.69 6.16
C ILE A 314 7.10 -16.99 6.23
N GLU A 315 7.19 -17.70 7.34
CA GLU A 315 6.37 -18.89 7.49
C GLU A 315 4.89 -18.55 7.51
N ILE A 316 4.51 -17.51 8.24
CA ILE A 316 3.08 -17.08 8.23
C ILE A 316 2.71 -16.82 6.77
N LEU A 317 3.48 -15.96 6.08
CA LEU A 317 3.25 -15.74 4.66
C LEU A 317 2.89 -17.04 3.98
N GLN A 318 3.74 -18.06 4.13
CA GLN A 318 3.51 -19.39 3.55
C GLN A 318 2.03 -19.94 3.75
N VAL A 319 1.56 -20.00 4.99
CA VAL A 319 0.24 -20.40 5.22
C VAL A 319 -0.76 -19.40 4.60
N PHE A 320 -0.37 -18.13 4.61
CA PHE A 320 -1.20 -17.09 3.96
C PHE A 320 -1.38 -17.48 2.50
N GLN A 321 -0.27 -17.78 1.81
CA GLN A 321 -0.36 -18.12 0.39
C GLN A 321 -1.11 -19.45 0.18
N GLU A 322 -1.10 -20.33 1.20
CA GLU A 322 -1.85 -21.57 1.12
C GLU A 322 -3.34 -21.34 1.22
N LEU A 323 -3.75 -20.37 2.04
CA LEU A 323 -5.16 -20.02 2.26
C LEU A 323 -5.74 -19.08 1.21
N ASN A 324 -4.95 -18.65 0.22
CA ASN A 324 -5.39 -17.62 -0.71
C ASN A 324 -5.89 -16.37 0.02
N ASN A 325 -5.06 -15.85 0.90
CA ASN A 325 -5.30 -14.56 1.54
C ASN A 325 -4.25 -13.60 0.99
N PHE A 326 -4.55 -13.05 -0.19
CA PHE A 326 -3.60 -12.15 -0.83
C PHE A 326 -3.47 -10.85 -0.07
N ASN A 327 -4.50 -10.45 0.68
CA ASN A 327 -4.33 -9.28 1.52
C ASN A 327 -3.23 -9.50 2.55
N GLY A 328 -3.32 -10.60 3.30
CA GLY A 328 -2.32 -10.89 4.29
C GLY A 328 -0.96 -11.18 3.70
N VAL A 329 -0.92 -11.78 2.51
CA VAL A 329 0.35 -11.93 1.81
C VAL A 329 1.00 -10.57 1.56
N LEU A 330 0.20 -9.58 1.18
CA LEU A 330 0.78 -8.26 0.91
C LEU A 330 1.08 -7.47 2.17
N GLU A 331 0.38 -7.73 3.29
CA GLU A 331 0.79 -7.14 4.56
C GLU A 331 2.24 -7.47 4.84
N VAL A 332 2.60 -8.73 4.62
CA VAL A 332 3.96 -9.18 4.87
C VAL A 332 4.92 -8.62 3.84
N VAL A 333 4.56 -8.69 2.56
CA VAL A 333 5.49 -8.15 1.56
C VAL A 333 5.77 -6.67 1.83
N SER A 334 4.75 -5.87 2.15
CA SER A 334 4.98 -4.47 2.47
C SER A 334 5.90 -4.32 3.66
N ALA A 335 5.63 -5.08 4.74
CA ALA A 335 6.52 -5.06 5.89
C ALA A 335 7.96 -5.26 5.42
N MET A 336 8.21 -6.38 4.76
CA MET A 336 9.55 -6.69 4.27
C MET A 336 10.10 -5.65 3.31
N ASN A 337 9.27 -4.73 2.78
CA ASN A 337 9.76 -3.76 1.83
C ASN A 337 9.99 -2.39 2.43
N SER A 338 9.47 -2.14 3.62
CA SER A 338 9.63 -0.85 4.25
C SER A 338 11.10 -0.49 4.36
N SER A 339 11.35 0.81 4.40
CA SER A 339 12.74 1.26 4.46
C SER A 339 13.46 0.88 5.77
N PRO A 340 12.78 0.58 6.92
CA PRO A 340 13.52 -0.03 8.04
C PRO A 340 13.91 -1.49 7.78
N VAL A 341 12.95 -2.30 7.33
CA VAL A 341 13.17 -3.75 7.23
C VAL A 341 14.07 -4.10 6.06
N TYR A 342 13.90 -3.41 4.93
CA TYR A 342 14.62 -3.78 3.70
C TYR A 342 16.14 -3.68 3.83
N ARG A 343 16.64 -2.76 4.67
CA ARG A 343 18.07 -2.49 4.72
C ARG A 343 18.87 -3.48 5.57
N LEU A 344 18.22 -4.37 6.30
CA LEU A 344 18.91 -5.26 7.23
C LEU A 344 19.55 -6.40 6.44
N ASP A 345 20.72 -6.14 5.83
CA ASP A 345 21.33 -7.20 5.03
C ASP A 345 21.75 -8.38 5.88
N HIS A 346 22.39 -8.13 7.04
CA HIS A 346 22.85 -9.21 7.92
C HIS A 346 21.72 -10.17 8.29
N THR A 347 20.49 -9.68 8.43
CA THR A 347 19.42 -10.51 8.93
C THR A 347 18.87 -11.42 7.84
N PHE A 348 18.81 -10.95 6.59
CA PHE A 348 18.38 -11.83 5.51
C PHE A 348 19.47 -12.79 5.08
N GLU A 349 20.74 -12.42 5.32
CA GLU A 349 21.87 -13.27 4.97
C GLU A 349 21.75 -14.66 5.58
N GLN A 350 21.01 -14.80 6.68
CA GLN A 350 20.87 -16.05 7.42
C GLN A 350 19.52 -16.71 7.27
N ILE A 351 18.71 -16.26 6.33
CA ILE A 351 17.42 -16.91 6.16
C ILE A 351 17.62 -18.19 5.37
N PRO A 352 17.03 -19.31 5.79
CA PRO A 352 17.08 -20.53 4.97
C PRO A 352 16.72 -20.21 3.53
N SER A 353 17.53 -20.70 2.61
CA SER A 353 17.28 -20.38 1.20
C SER A 353 15.89 -20.83 0.75
N ARG A 354 15.33 -21.90 1.32
CA ARG A 354 13.97 -22.26 0.95
C ARG A 354 13.00 -21.15 1.32
N GLN A 355 13.25 -20.45 2.43
CA GLN A 355 12.38 -19.36 2.85
C GLN A 355 12.52 -18.14 1.94
N LYS A 356 13.77 -17.77 1.62
CA LYS A 356 14.00 -16.66 0.69
C LYS A 356 13.21 -16.84 -0.61
N LYS A 357 13.12 -18.09 -1.10
CA LYS A 357 12.29 -18.33 -2.28
C LYS A 357 10.82 -18.06 -2.00
N ILE A 358 10.32 -18.47 -0.82
CA ILE A 358 8.90 -18.25 -0.48
C ILE A 358 8.57 -16.77 -0.53
N LEU A 359 9.48 -15.92 -0.03
CA LEU A 359 9.24 -14.47 0.00
C LEU A 359 9.44 -13.86 -1.38
N GLU A 360 10.50 -14.27 -2.07
CA GLU A 360 10.75 -13.89 -3.46
C GLU A 360 9.53 -14.14 -4.35
N GLU A 361 8.90 -15.31 -4.19
CA GLU A 361 7.64 -15.58 -4.86
C GLU A 361 6.63 -14.48 -4.59
N ALA A 362 6.37 -14.18 -3.31
CA ALA A 362 5.30 -13.24 -2.97
C ALA A 362 5.61 -11.84 -3.48
N HIS A 363 6.84 -11.38 -3.28
CA HIS A 363 7.22 -10.05 -3.75
C HIS A 363 7.09 -9.92 -5.27
N GLU A 364 7.29 -11.01 -6.01
CA GLU A 364 7.20 -10.93 -7.47
C GLU A 364 5.76 -10.76 -7.94
N LEU A 365 4.79 -11.28 -7.18
CA LEU A 365 3.38 -10.92 -7.39
C LEU A 365 3.24 -9.44 -7.65
N SER A 366 3.76 -8.63 -6.72
CA SER A 366 3.58 -7.19 -6.78
C SER A 366 4.26 -6.60 -8.02
N GLU A 367 5.41 -7.15 -8.42
CA GLU A 367 6.20 -6.57 -9.49
C GLU A 367 5.40 -6.47 -10.77
N ASP A 368 5.77 -5.50 -11.61
CA ASP A 368 5.13 -5.29 -12.91
C ASP A 368 3.64 -4.95 -12.81
N HIS A 369 3.31 -3.90 -12.08
CA HIS A 369 1.92 -3.45 -11.96
C HIS A 369 1.00 -4.60 -11.57
N TYR A 370 1.49 -5.45 -10.67
CA TYR A 370 0.72 -6.56 -10.09
C TYR A 370 0.33 -7.60 -11.13
N LYS A 371 1.15 -7.78 -12.17
CA LYS A 371 0.80 -8.70 -13.23
C LYS A 371 0.67 -10.13 -12.71
N LYS A 372 1.71 -10.63 -12.05
CA LYS A 372 1.67 -12.00 -11.56
C LYS A 372 0.56 -12.18 -10.52
N TYR A 373 0.36 -11.18 -9.66
CA TYR A 373 -0.75 -11.19 -8.70
C TYR A 373 -2.09 -11.30 -9.39
N LEU A 374 -2.31 -10.47 -10.42
CA LEU A 374 -3.59 -10.45 -11.13
C LEU A 374 -3.84 -11.81 -11.77
N ALA A 375 -2.83 -12.36 -12.44
CA ALA A 375 -2.90 -13.71 -12.96
C ALA A 375 -3.38 -14.70 -11.90
N LYS A 376 -2.57 -14.86 -10.85
CA LYS A 376 -2.86 -15.88 -9.85
C LYS A 376 -4.28 -15.77 -9.29
N LEU A 377 -4.78 -14.55 -9.03
CA LEU A 377 -6.13 -14.44 -8.46
C LEU A 377 -7.18 -14.94 -9.41
N ARG A 378 -6.98 -14.76 -10.73
CA ARG A 378 -8.01 -15.20 -11.66
C ARG A 378 -7.98 -16.71 -11.85
N SER A 379 -6.92 -17.33 -11.34
CA SER A 379 -6.80 -18.81 -11.41
C SER A 379 -7.21 -19.55 -10.14
N ILE A 380 -6.81 -19.04 -8.98
CA ILE A 380 -7.09 -19.72 -7.68
C ILE A 380 -8.61 -19.84 -7.53
N ASN A 381 -9.05 -20.75 -6.66
CA ASN A 381 -10.48 -20.95 -6.43
C ASN A 381 -10.86 -20.61 -4.98
N PRO A 382 -11.93 -19.83 -4.76
CA PRO A 382 -12.31 -19.41 -3.42
C PRO A 382 -12.42 -20.60 -2.44
N PRO A 383 -12.19 -20.39 -1.13
CA PRO A 383 -12.32 -19.08 -0.50
C PRO A 383 -11.11 -18.20 -0.87
N CYS A 384 -11.23 -16.88 -0.70
CA CYS A 384 -10.12 -15.99 -1.13
C CYS A 384 -10.27 -14.59 -0.54
N VAL A 385 -9.17 -13.95 -0.15
CA VAL A 385 -9.20 -12.55 0.27
C VAL A 385 -8.34 -11.76 -0.70
N PRO A 386 -8.93 -10.98 -1.58
CA PRO A 386 -8.13 -10.24 -2.55
C PRO A 386 -7.56 -8.98 -1.95
N PHE A 387 -6.57 -8.44 -2.64
CA PHE A 387 -6.00 -7.16 -2.26
C PHE A 387 -6.87 -6.04 -2.81
N PHE A 388 -7.44 -5.24 -1.91
CA PHE A 388 -8.47 -4.29 -2.30
C PHE A 388 -7.89 -3.11 -3.08
N GLY A 389 -6.64 -2.76 -2.76
CA GLY A 389 -6.02 -1.55 -3.29
C GLY A 389 -6.01 -1.43 -4.80
N ILE A 390 -6.00 -2.55 -5.52
CA ILE A 390 -6.04 -2.45 -6.97
C ILE A 390 -7.41 -2.02 -7.46
N TYR A 391 -8.49 -2.55 -6.86
CA TYR A 391 -9.80 -2.09 -7.30
C TYR A 391 -10.00 -0.63 -6.95
N LEU A 392 -9.29 -0.14 -5.93
CA LEU A 392 -9.44 1.25 -5.58
C LEU A 392 -8.91 2.13 -6.69
N THR A 393 -7.72 1.83 -7.19
CA THR A 393 -7.15 2.67 -8.26
C THR A 393 -7.93 2.51 -9.55
N ASN A 394 -8.34 1.28 -9.88
CA ASN A 394 -9.12 1.06 -11.10
C ASN A 394 -10.43 1.82 -11.06
N ILE A 395 -11.01 2.03 -9.89
CA ILE A 395 -12.34 2.70 -9.84
C ILE A 395 -12.13 4.20 -10.02
N LEU A 396 -11.09 4.75 -9.42
CA LEU A 396 -10.78 6.19 -9.56
C LEU A 396 -10.43 6.48 -11.01
N LYS A 397 -9.37 5.85 -11.51
CA LYS A 397 -8.91 6.10 -12.90
C LYS A 397 -10.12 6.03 -13.83
N THR A 398 -10.96 5.01 -13.68
CA THR A 398 -12.11 4.86 -14.56
C THR A 398 -13.07 6.04 -14.46
N GLU A 399 -13.35 6.50 -13.26
CA GLU A 399 -14.26 7.62 -13.08
C GLU A 399 -13.63 8.93 -13.49
N GLU A 400 -12.31 8.99 -13.64
CA GLU A 400 -11.61 10.23 -13.92
C GLU A 400 -10.95 10.26 -15.29
N GLY A 401 -11.13 9.24 -16.10
CA GLY A 401 -10.52 9.20 -17.42
C GLY A 401 -11.59 9.02 -18.47
N ASN A 402 -12.83 9.09 -18.02
CA ASN A 402 -13.96 9.00 -18.90
C ASN A 402 -14.90 10.14 -18.56
N PRO A 403 -15.45 10.81 -19.56
CA PRO A 403 -16.17 12.05 -19.30
C PRO A 403 -17.49 11.74 -18.61
N GLU A 404 -17.99 12.73 -17.89
CA GLU A 404 -19.21 12.50 -17.15
C GLU A 404 -20.45 12.62 -18.04
N VAL A 405 -20.40 13.52 -19.02
CA VAL A 405 -21.57 13.77 -19.90
C VAL A 405 -21.10 13.85 -21.35
N LEU A 406 -20.91 12.71 -22.00
CA LEU A 406 -20.56 12.71 -23.45
C LEU A 406 -21.57 13.61 -24.17
N LYS A 407 -21.08 14.63 -24.90
CA LYS A 407 -21.98 15.58 -25.59
C LYS A 407 -22.04 15.23 -27.07
N ARG A 408 -23.21 15.38 -27.69
CA ARG A 408 -23.38 15.07 -29.14
C ARG A 408 -24.47 15.97 -29.73
N HIS A 409 -24.20 16.58 -30.89
CA HIS A 409 -25.20 17.42 -31.59
C HIS A 409 -25.49 18.70 -30.82
N GLY A 410 -24.89 18.88 -29.65
CA GLY A 410 -25.06 20.14 -28.90
C GLY A 410 -25.77 19.92 -27.57
N LYS A 411 -26.11 18.67 -27.28
CA LYS A 411 -26.78 18.37 -25.99
C LYS A 411 -25.96 17.34 -25.21
N GLU A 412 -26.04 17.37 -23.88
CA GLU A 412 -25.29 16.44 -23.08
C GLU A 412 -26.06 15.14 -22.95
N LEU A 413 -25.32 14.05 -22.90
CA LEU A 413 -25.97 12.74 -22.64
C LEU A 413 -25.34 12.26 -21.34
N ILE A 414 -25.89 11.26 -20.67
CA ILE A 414 -25.20 10.81 -19.43
C ILE A 414 -24.28 9.69 -19.86
N ASN A 415 -22.96 9.80 -19.66
CA ASN A 415 -22.06 8.66 -20.02
C ASN A 415 -22.38 7.47 -19.13
N PHE A 416 -23.11 6.50 -19.67
CA PHE A 416 -23.50 5.32 -18.89
C PHE A 416 -22.43 4.36 -19.34
N SER A 417 -21.68 4.51 -20.43
CA SER A 417 -20.62 3.54 -20.71
C SER A 417 -19.57 3.57 -19.60
N LYS A 418 -19.23 4.78 -19.13
CA LYS A 418 -18.31 4.95 -18.01
C LYS A 418 -18.87 4.34 -16.74
N ARG A 419 -20.17 4.49 -16.48
CA ARG A 419 -20.80 3.88 -15.32
C ARG A 419 -20.79 2.37 -15.41
N ARG A 420 -21.02 1.81 -16.60
CA ARG A 420 -21.00 0.36 -16.72
C ARG A 420 -19.66 -0.21 -16.30
N LYS A 421 -18.56 0.49 -16.61
CA LYS A 421 -17.24 -0.03 -16.28
C LYS A 421 -17.02 -0.07 -14.77
N VAL A 422 -17.40 1.01 -14.08
CA VAL A 422 -17.35 1.06 -12.61
C VAL A 422 -18.16 -0.08 -12.01
N ALA A 423 -19.37 -0.30 -12.52
CA ALA A 423 -20.20 -1.40 -12.05
C ALA A 423 -19.50 -2.74 -12.19
N GLU A 424 -18.73 -2.95 -13.27
CA GLU A 424 -18.05 -4.22 -13.50
C GLU A 424 -16.99 -4.47 -12.42
N ILE A 425 -16.25 -3.44 -12.04
CA ILE A 425 -15.27 -3.57 -10.96
C ILE A 425 -15.95 -3.89 -9.64
N THR A 426 -17.00 -3.14 -9.30
CA THR A 426 -17.80 -3.49 -8.14
C THR A 426 -18.30 -4.92 -8.18
N GLY A 427 -18.88 -5.34 -9.30
CA GLY A 427 -19.35 -6.70 -9.40
C GLY A 427 -18.26 -7.70 -9.09
N GLU A 428 -17.07 -7.47 -9.65
CA GLU A 428 -15.96 -8.40 -9.46
C GLU A 428 -15.56 -8.51 -8.00
N ILE A 429 -15.68 -7.42 -7.24
CA ILE A 429 -15.38 -7.43 -5.81
C ILE A 429 -16.34 -8.34 -5.07
N GLN A 430 -17.59 -8.37 -5.51
CA GLN A 430 -18.59 -9.20 -4.85
C GLN A 430 -18.41 -10.69 -5.12
N GLN A 431 -17.86 -11.07 -6.28
CA GLN A 431 -17.80 -12.51 -6.56
C GLN A 431 -16.90 -13.20 -5.57
N TYR A 432 -15.97 -12.47 -4.99
CA TYR A 432 -15.02 -12.97 -4.01
C TYR A 432 -15.51 -12.78 -2.58
N GLN A 433 -16.73 -12.28 -2.39
CA GLN A 433 -17.27 -11.98 -1.07
C GLN A 433 -18.28 -13.01 -0.58
N ASN A 434 -18.60 -14.02 -1.41
CA ASN A 434 -19.70 -14.93 -1.12
C ASN A 434 -19.25 -16.25 -0.52
N GLN A 435 -18.15 -16.78 -1.00
CA GLN A 435 -17.64 -18.01 -0.44
C GLN A 435 -16.90 -17.69 0.85
N PRO A 436 -17.36 -18.18 2.02
CA PRO A 436 -16.60 -17.98 3.26
C PRO A 436 -15.56 -19.06 3.49
N TYR A 437 -14.92 -19.06 4.66
CA TYR A 437 -13.73 -19.86 4.93
C TYR A 437 -14.05 -20.98 5.91
N CYS A 438 -13.47 -22.17 5.67
CA CYS A 438 -13.75 -23.36 6.48
C CYS A 438 -12.70 -23.48 7.59
N LEU A 439 -12.77 -22.54 8.53
CA LEU A 439 -11.83 -22.50 9.65
C LEU A 439 -12.58 -21.99 10.86
N ARG A 440 -12.12 -22.39 12.04
CA ARG A 440 -12.85 -22.14 13.27
C ARG A 440 -12.27 -20.91 13.99
N VAL A 441 -13.15 -20.09 14.56
CA VAL A 441 -12.70 -18.90 15.28
C VAL A 441 -12.12 -19.30 16.63
N GLU A 442 -10.91 -18.83 16.92
CA GLU A 442 -10.36 -18.87 18.27
C GLU A 442 -10.52 -17.47 18.86
N SER A 443 -11.60 -17.26 19.60
CA SER A 443 -11.98 -15.90 19.98
C SER A 443 -10.91 -15.21 20.83
N ASP A 444 -10.09 -15.99 21.56
CA ASP A 444 -9.00 -15.40 22.35
C ASP A 444 -7.93 -14.75 21.47
N ILE A 445 -7.58 -15.42 20.37
CA ILE A 445 -6.60 -14.90 19.44
C ILE A 445 -7.18 -13.75 18.64
N LYS A 446 -8.41 -13.92 18.13
CA LYS A 446 -9.10 -12.85 17.42
C LYS A 446 -9.08 -11.55 18.21
N ARG A 447 -9.34 -11.64 19.52
CA ARG A 447 -9.23 -10.46 20.37
C ARG A 447 -7.79 -9.93 20.39
N PHE A 448 -6.79 -10.82 20.35
CA PHE A 448 -5.41 -10.33 20.42
C PHE A 448 -5.06 -9.51 19.20
N PHE A 449 -5.42 -10.00 18.01
CA PHE A 449 -5.10 -9.26 16.80
C PHE A 449 -6.00 -8.05 16.61
N GLU A 450 -7.28 -8.16 16.98
CA GLU A 450 -8.17 -7.01 16.98
C GLU A 450 -7.59 -5.82 17.76
N ASN A 451 -6.82 -6.06 18.81
CA ASN A 451 -6.34 -4.99 19.68
C ASN A 451 -4.98 -4.46 19.32
N LEU A 452 -4.28 -5.07 18.38
CA LEU A 452 -2.93 -4.62 18.04
C LEU A 452 -2.90 -3.12 17.81
N ASN A 453 -2.22 -2.37 18.64
CA ASN A 453 -2.03 -0.95 18.37
C ASN A 453 -0.53 -0.65 18.35
N PRO A 454 0.18 -1.15 17.34
CA PRO A 454 1.63 -0.94 17.32
C PRO A 454 2.03 0.52 17.32
N MET A 455 1.19 1.42 16.81
CA MET A 455 1.56 2.83 16.78
C MET A 455 1.46 3.50 18.16
N GLY A 456 0.88 2.83 19.15
CA GLY A 456 0.74 3.43 20.46
C GLY A 456 -0.14 4.67 20.45
N ASN A 457 0.33 5.74 21.08
CA ASN A 457 -0.30 7.05 20.99
C ASN A 457 0.47 7.98 20.08
N SER A 458 1.48 7.44 19.39
CA SER A 458 2.36 8.23 18.54
C SER A 458 1.64 8.61 17.26
N MET A 459 1.99 9.77 16.72
CA MET A 459 1.51 10.02 15.37
C MET A 459 2.31 9.16 14.40
N GLU A 460 1.93 9.19 13.13
CA GLU A 460 2.55 8.29 12.17
C GLU A 460 4.00 8.68 11.88
N LYS A 461 4.31 9.98 11.79
CA LYS A 461 5.72 10.38 11.64
C LYS A 461 6.57 9.88 12.78
N GLU A 462 6.24 10.27 14.02
CA GLU A 462 6.99 9.85 15.18
C GLU A 462 7.29 8.37 15.13
N PHE A 463 6.27 7.58 14.81
CA PHE A 463 6.44 6.14 14.85
C PHE A 463 7.24 5.65 13.68
N THR A 464 6.91 6.07 12.47
CA THR A 464 7.71 5.67 11.31
C THR A 464 9.17 6.00 11.53
N ASP A 465 9.43 7.23 12.00
CA ASP A 465 10.80 7.63 12.28
C ASP A 465 11.44 6.71 13.29
N TYR A 466 10.73 6.44 14.40
CA TYR A 466 11.25 5.52 15.42
C TYR A 466 11.62 4.18 14.81
N LEU A 467 10.71 3.56 14.05
CA LEU A 467 11.00 2.29 13.41
C LEU A 467 12.25 2.37 12.52
N PHE A 468 12.53 3.53 11.94
CA PHE A 468 13.75 3.61 11.14
C PHE A 468 14.98 3.77 12.01
N ASN A 469 14.93 4.66 12.99
CA ASN A 469 16.03 4.81 13.92
C ASN A 469 16.40 3.47 14.54
N LYS A 470 15.39 2.67 14.86
CA LYS A 470 15.65 1.35 15.43
C LYS A 470 16.40 0.44 14.45
N SER A 471 16.01 0.43 13.19
CA SER A 471 16.79 -0.36 12.23
C SER A 471 18.20 0.19 12.08
N LEU A 472 18.38 1.49 12.29
CA LEU A 472 19.71 2.04 12.16
C LEU A 472 20.60 1.53 13.29
N GLU A 473 20.07 1.52 14.53
CA GLU A 473 20.89 1.12 15.66
C GLU A 473 21.31 -0.34 15.52
N ILE A 474 20.39 -1.22 15.12
CA ILE A 474 20.66 -2.66 15.17
C ILE A 474 21.44 -3.22 13.99
N GLU A 475 21.77 -2.41 12.97
CA GLU A 475 22.63 -2.81 11.85
C GLU A 475 23.21 -1.53 11.24
N PRO A 476 24.32 -1.03 11.73
CA PRO A 476 24.80 0.29 11.30
C PRO A 476 25.43 0.28 9.90
N ARG A 477 25.65 1.51 9.38
CA ARG A 477 26.20 1.76 8.06
C ARG A 477 27.61 1.17 7.89
N ASN A 478 28.08 1.14 6.65
CA ASN A 478 29.34 0.44 6.37
C ASN A 478 30.49 0.71 7.31
N PRO A 479 30.86 1.95 7.61
CA PRO A 479 32.05 2.14 8.46
C PRO A 479 31.85 1.46 9.83
N LYS A 480 30.98 2.04 10.67
CA LYS A 480 30.81 1.57 12.04
C LYS A 480 30.35 0.11 12.06
N PRO A 481 30.91 -0.72 12.92
CA PRO A 481 30.66 -2.15 12.85
C PRO A 481 29.50 -2.58 13.74
N LEU A 482 29.05 -3.78 13.45
CA LEU A 482 27.83 -4.36 13.98
C LEU A 482 27.97 -4.66 15.45
N PRO A 483 27.35 -3.88 16.34
CA PRO A 483 27.35 -4.23 17.76
C PRO A 483 26.47 -5.45 18.01
N ARG A 484 26.64 -6.05 19.19
CA ARG A 484 25.84 -7.19 19.59
C ARG A 484 24.95 -6.80 20.77
N PHE A 485 23.74 -7.33 20.79
CA PHE A 485 22.62 -6.84 21.59
C PHE A 485 22.05 -7.97 22.43
N PRO A 486 21.52 -7.65 23.63
CA PRO A 486 20.92 -8.67 24.48
C PRO A 486 19.72 -9.38 23.86
N LYS A 487 19.50 -10.61 24.30
CA LYS A 487 18.25 -11.30 24.03
C LYS A 487 17.15 -10.73 24.92
N LYS A 488 15.91 -10.76 24.38
CA LYS A 488 14.72 -10.32 25.09
C LYS A 488 13.68 -11.40 25.21
N TYR A 489 13.67 -12.32 24.26
CA TYR A 489 12.79 -13.47 24.32
C TYR A 489 13.43 -14.50 25.22
N SER A 490 12.64 -15.06 26.13
CA SER A 490 13.10 -16.00 27.15
C SER A 490 12.78 -17.44 26.81
N TYR A 491 11.88 -17.68 25.84
CA TYR A 491 11.43 -18.97 25.33
C TYR A 491 12.35 -19.44 24.21
N PRO A 492 12.19 -20.65 23.69
CA PRO A 492 13.00 -21.10 22.55
C PRO A 492 12.46 -20.73 21.18
N LEU A 493 13.40 -20.42 20.28
CA LEU A 493 13.08 -19.84 18.98
C LEU A 493 13.26 -20.88 17.88
N LYS A 494 12.36 -21.85 17.88
CA LYS A 494 12.33 -22.87 16.84
C LYS A 494 10.92 -22.92 16.31
N SER A 495 10.75 -22.84 14.99
CA SER A 495 9.39 -22.78 14.41
C SER A 495 8.71 -24.14 14.56
N PRO A 496 7.48 -24.21 15.10
CA PRO A 496 6.76 -25.46 15.18
C PRO A 496 6.50 -26.01 13.78
N GLY A 497 6.72 -25.19 12.75
CA GLY A 497 6.52 -25.63 11.37
C GLY A 497 5.15 -25.23 10.85
N VAL A 498 4.85 -25.50 9.58
CA VAL A 498 3.59 -25.07 9.01
C VAL A 498 2.82 -26.24 8.36
N ARG A 499 2.70 -27.35 9.09
CA ARG A 499 1.89 -28.49 8.68
C ARG A 499 0.92 -28.88 9.79
N PRO A 500 -0.31 -29.34 9.49
CA PRO A 500 -1.29 -29.56 10.54
C PRO A 500 -1.18 -30.86 11.36
N SER A 501 -2.29 -31.28 11.98
CA SER A 501 -2.29 -32.50 12.82
C SER A 501 -1.05 -32.51 13.71
N VAL B 2 24.08 -9.84 -18.54
CA VAL B 2 24.95 -8.63 -18.51
C VAL B 2 26.32 -9.01 -19.05
N GLN B 3 27.17 -8.00 -19.31
CA GLN B 3 28.50 -8.28 -19.90
C GLN B 3 29.61 -7.69 -19.04
N LEU B 4 30.50 -8.53 -18.51
CA LEU B 4 31.67 -8.01 -17.76
C LEU B 4 32.88 -8.17 -18.67
N VAL B 5 33.61 -7.08 -18.97
CA VAL B 5 34.71 -7.26 -19.91
C VAL B 5 35.95 -6.66 -19.25
N GLU B 6 36.94 -7.51 -18.98
CA GLU B 6 38.18 -7.14 -18.29
C GLU B 6 39.10 -6.37 -19.22
N SER B 7 40.17 -5.83 -18.65
CA SER B 7 41.13 -5.03 -19.41
C SER B 7 42.43 -4.93 -18.61
N GLY B 8 43.28 -3.99 -18.99
CA GLY B 8 44.59 -3.85 -18.40
C GLY B 8 45.53 -4.96 -18.82
N GLY B 9 45.18 -6.19 -18.46
CA GLY B 9 46.00 -7.35 -18.74
C GLY B 9 46.44 -8.04 -17.46
N GLY B 10 47.73 -8.33 -17.35
CA GLY B 10 48.27 -8.97 -16.17
C GLY B 10 49.69 -8.52 -15.86
N ARG B 19 46.77 -4.20 -10.60
CA ARG B 19 45.42 -3.58 -10.61
C ARG B 19 44.64 -4.05 -11.84
N LEU B 20 43.81 -5.07 -11.68
CA LEU B 20 42.93 -5.49 -12.81
C LEU B 20 41.75 -4.52 -12.85
N SER B 21 40.80 -4.70 -13.76
CA SER B 21 39.64 -3.86 -13.82
C SER B 21 38.36 -4.58 -14.36
N CYS B 22 37.19 -4.40 -13.78
CA CYS B 22 36.07 -5.11 -14.40
C CYS B 22 34.66 -4.42 -14.20
N ALA B 23 34.54 -3.09 -14.29
CA ALA B 23 33.18 -2.56 -14.22
C ALA B 23 32.36 -3.26 -15.32
N ALA B 24 31.04 -3.13 -15.24
CA ALA B 24 30.21 -3.81 -16.23
C ALA B 24 29.14 -2.89 -16.83
N SER B 25 28.21 -3.46 -17.60
CA SER B 25 26.99 -2.78 -18.03
C SER B 25 26.05 -3.80 -18.64
N GLY B 26 24.75 -3.57 -18.50
CA GLY B 26 23.74 -4.53 -18.94
C GLY B 26 22.64 -4.71 -17.93
N ILE B 28 20.96 -1.56 -13.01
CA ILE B 28 19.51 -1.77 -12.97
C ILE B 28 19.11 -2.47 -11.63
N LEU B 29 20.00 -3.31 -11.10
CA LEU B 29 19.68 -4.08 -9.86
C LEU B 29 20.16 -3.30 -8.65
N PRO B 30 19.32 -3.09 -7.61
CA PRO B 30 19.69 -2.25 -6.46
C PRO B 30 20.63 -2.92 -5.45
N ILE B 31 21.07 -4.15 -5.71
CA ILE B 31 21.97 -4.87 -4.78
C ILE B 31 23.00 -5.62 -5.62
N ASN B 32 24.31 -5.49 -5.32
CA ASN B 32 25.27 -6.11 -6.24
C ASN B 32 26.58 -6.43 -5.55
N VAL B 33 27.09 -7.64 -5.77
CA VAL B 33 28.36 -8.11 -5.21
C VAL B 33 29.25 -8.55 -6.37
N MET B 34 30.12 -7.65 -6.84
CA MET B 34 31.14 -8.01 -7.81
C MET B 34 32.38 -8.54 -7.11
N GLY B 35 33.06 -9.51 -7.75
CA GLY B 35 34.19 -10.17 -7.14
C GLY B 35 35.25 -10.63 -8.11
N TRP B 36 36.40 -10.99 -7.54
CA TRP B 36 37.52 -11.61 -8.24
C TRP B 36 37.61 -13.05 -7.73
N TYR B 37 37.20 -14.01 -8.56
CA TYR B 37 37.34 -15.43 -8.28
C TYR B 37 38.56 -15.94 -9.05
N ARG B 38 39.66 -16.17 -8.34
CA ARG B 38 40.92 -16.56 -8.99
C ARG B 38 41.15 -18.06 -8.99
N SER B 43 44.31 -26.55 -11.74
CA SER B 43 43.87 -26.16 -10.40
C SER B 43 42.34 -26.23 -10.28
N GLN B 44 41.81 -25.53 -9.27
CA GLN B 44 40.34 -25.41 -9.05
C GLN B 44 40.12 -23.99 -8.49
N ARG B 45 39.32 -23.15 -9.15
CA ARG B 45 39.20 -21.72 -8.73
C ARG B 45 38.46 -21.55 -7.40
N GLU B 46 38.64 -20.41 -6.73
CA GLU B 46 37.96 -20.12 -5.43
C GLU B 46 37.95 -18.60 -5.17
N LEU B 47 37.35 -18.17 -4.06
CA LEU B 47 37.19 -16.72 -3.80
C LEU B 47 38.56 -16.07 -3.59
N VAL B 48 38.76 -14.90 -4.19
CA VAL B 48 40.02 -14.15 -3.95
C VAL B 48 39.64 -12.73 -3.54
N ALA B 49 38.41 -12.31 -3.90
CA ALA B 49 38.00 -10.92 -3.59
C ALA B 49 36.51 -10.66 -3.91
N THR B 50 35.81 -9.93 -3.04
CA THR B 50 34.43 -9.52 -3.23
C THR B 50 34.20 -8.20 -2.47
N ILE B 51 33.49 -7.29 -3.12
CA ILE B 51 33.04 -6.02 -2.54
C ILE B 51 31.56 -5.89 -2.88
N VAL B 52 30.86 -5.10 -2.06
CA VAL B 52 29.40 -4.88 -2.25
C VAL B 52 29.18 -3.43 -2.69
N THR B 53 28.27 -3.22 -3.65
CA THR B 53 28.02 -1.86 -4.17
C THR B 53 26.53 -1.54 -4.09
N SER B 54 26.16 -0.52 -3.32
CA SER B 54 24.74 -0.08 -3.22
C SER B 54 23.82 -1.18 -2.68
N GLY B 55 23.46 -1.10 -1.40
CA GLY B 55 22.48 -2.02 -0.79
C GLY B 55 22.02 -1.53 0.57
N GLY B 56 22.04 -2.40 1.57
CA GLY B 56 21.52 -2.03 2.88
C GLY B 56 22.56 -1.70 3.94
N SER B 57 22.76 -2.63 4.88
CA SER B 57 23.83 -2.49 5.88
C SER B 57 25.17 -2.81 5.29
N THR B 58 25.24 -3.90 4.53
CA THR B 58 26.49 -4.26 3.84
C THR B 58 26.58 -3.20 2.74
N ALA B 59 26.92 -1.96 3.10
CA ALA B 59 26.94 -0.86 2.11
C ALA B 59 28.21 -1.05 1.28
N GLY B 60 29.37 -0.96 1.92
CA GLY B 60 30.64 -1.06 1.17
C GLY B 60 31.55 -2.14 1.70
N ASN B 61 30.98 -3.11 2.43
CA ASN B 61 31.83 -4.13 3.03
C ASN B 61 32.72 -4.77 1.98
N THR B 62 33.80 -5.39 2.44
CA THR B 62 34.89 -5.85 1.59
C THR B 62 35.43 -7.17 2.14
N ASN B 63 35.34 -8.25 1.35
CA ASN B 63 35.64 -9.61 1.82
C ASN B 63 36.75 -10.25 0.99
N TYR B 64 37.94 -10.44 1.58
CA TYR B 64 39.11 -11.04 0.94
C TYR B 64 39.25 -12.47 1.48
N VAL B 65 40.06 -13.28 0.79
CA VAL B 65 40.30 -14.69 1.19
C VAL B 65 41.50 -14.88 2.11
N ASP B 66 42.70 -14.55 1.62
CA ASP B 66 43.92 -14.48 2.43
C ASP B 66 45.04 -13.60 1.88
N SER B 67 44.83 -12.28 1.90
CA SER B 67 45.80 -11.32 1.36
C SER B 67 45.85 -10.01 2.17
N ALA B 96 46.55 -20.00 -11.57
CA ALA B 96 46.04 -18.72 -11.11
C ALA B 96 45.38 -17.92 -12.25
N VAL B 97 44.22 -18.39 -12.74
CA VAL B 97 43.50 -17.74 -13.83
C VAL B 97 42.33 -16.92 -13.26
N TYR B 98 42.55 -15.61 -13.12
CA TYR B 98 41.56 -14.74 -12.49
C TYR B 98 40.30 -14.64 -13.33
N TYR B 99 39.16 -14.69 -12.65
CA TYR B 99 37.87 -14.45 -13.28
C TYR B 99 37.21 -13.25 -12.60
N CYS B 100 36.31 -12.59 -13.31
CA CYS B 100 35.51 -11.52 -12.76
C CYS B 100 34.10 -12.03 -12.44
N ASN B 101 33.56 -11.58 -11.31
CA ASN B 101 32.27 -12.01 -10.81
C ASN B 101 31.28 -10.84 -10.86
N LEU B 102 30.00 -11.19 -10.77
CA LEU B 102 28.98 -10.21 -10.45
C LEU B 102 27.75 -11.01 -10.04
N LYS B 103 27.42 -10.99 -8.75
CA LYS B 103 26.12 -11.42 -8.29
C LYS B 103 25.16 -10.23 -8.38
N THR B 104 24.01 -10.47 -8.99
CA THR B 104 23.00 -9.46 -9.24
C THR B 104 21.69 -9.87 -8.59
N ARG B 105 21.03 -8.91 -7.96
CA ARG B 105 19.88 -9.23 -7.13
C ARG B 105 19.05 -7.97 -6.98
N ARG B 106 17.73 -8.14 -7.02
CA ARG B 106 16.79 -7.00 -6.91
C ARG B 106 16.50 -6.69 -5.44
N ALA B 107 16.26 -7.73 -4.64
CA ALA B 107 15.94 -7.55 -3.22
C ALA B 107 16.82 -8.48 -2.38
N PRO B 108 17.07 -8.19 -1.09
CA PRO B 108 18.00 -9.00 -0.31
C PRO B 108 17.56 -10.47 -0.22
N TRP B 109 16.37 -10.80 -0.71
CA TRP B 109 15.83 -12.18 -0.59
C TRP B 109 15.69 -12.82 -1.97
N ALA B 110 16.18 -12.15 -3.01
CA ALA B 110 16.02 -12.66 -4.37
C ALA B 110 17.21 -13.51 -4.77
N THR B 111 16.94 -14.59 -5.48
CA THR B 111 18.02 -15.43 -5.97
C THR B 111 18.90 -14.62 -6.90
N PRO B 112 20.23 -14.73 -6.79
CA PRO B 112 21.11 -13.90 -7.61
C PRO B 112 21.14 -14.32 -9.08
N ASN B 113 21.93 -13.62 -9.90
CA ASN B 113 22.27 -14.04 -11.28
C ASN B 113 23.78 -13.81 -11.36
N ASN B 114 24.58 -14.85 -11.14
CA ASN B 114 26.03 -14.65 -11.22
C ASN B 114 26.49 -14.68 -12.67
N TYR B 115 27.40 -13.76 -12.98
CA TYR B 115 28.04 -13.65 -14.29
C TYR B 115 29.55 -13.69 -14.06
N TRP B 116 30.25 -14.51 -14.86
CA TRP B 116 31.70 -14.58 -14.77
C TRP B 116 32.35 -13.76 -15.89
N GLY B 117 33.68 -13.72 -15.88
CA GLY B 117 34.44 -12.93 -16.84
C GLY B 117 34.89 -13.77 -18.02
N GLN B 118 36.11 -13.48 -18.48
CA GLN B 118 36.78 -14.29 -19.48
C GLN B 118 37.98 -15.04 -18.93
N GLY B 119 38.77 -14.39 -18.08
CA GLY B 119 39.99 -14.97 -17.56
C GLY B 119 41.13 -13.98 -17.67
N THR B 120 41.97 -13.89 -16.65
CA THR B 120 43.10 -12.99 -16.73
C THR B 120 44.26 -13.60 -15.96
N GLN B 121 44.66 -14.82 -16.33
CA GLN B 121 45.80 -15.45 -15.67
C GLN B 121 47.06 -14.61 -15.90
N VAL B 122 47.90 -14.55 -14.87
CA VAL B 122 49.19 -13.87 -14.97
C VAL B 122 50.14 -14.45 -13.95
N THR B 123 51.45 -14.35 -14.24
CA THR B 123 52.52 -14.54 -13.26
C THR B 123 53.82 -13.87 -13.74
N MET C 22 16.48 0.37 -26.68
CA MET C 22 15.72 1.51 -26.16
C MET C 22 15.71 1.64 -24.63
N THR C 23 15.95 2.86 -24.16
CA THR C 23 15.90 3.15 -22.73
C THR C 23 14.47 3.20 -22.22
N GLU C 24 14.30 2.79 -20.97
CA GLU C 24 13.01 2.76 -20.28
C GLU C 24 13.17 3.48 -18.95
N TYR C 25 12.25 4.40 -18.65
CA TYR C 25 12.30 5.16 -17.41
C TYR C 25 11.05 4.84 -16.61
N LYS C 26 11.25 4.45 -15.35
CA LYS C 26 10.12 4.14 -14.47
C LYS C 26 9.91 5.33 -13.56
N LEU C 27 8.75 5.98 -13.69
CA LEU C 27 8.40 7.21 -13.00
C LEU C 27 7.28 6.95 -11.99
N VAL C 28 7.39 7.55 -10.80
CA VAL C 28 6.39 7.35 -9.76
C VAL C 28 5.77 8.70 -9.42
N VAL C 29 4.45 8.76 -9.44
CA VAL C 29 3.71 9.98 -9.12
C VAL C 29 3.27 9.88 -7.68
N VAL C 30 3.84 10.71 -6.82
CA VAL C 30 3.41 10.76 -5.44
C VAL C 30 2.79 12.11 -5.17
N GLY C 31 1.90 12.14 -4.18
CA GLY C 31 1.23 13.35 -3.77
C GLY C 31 0.12 13.01 -2.82
N ALA C 32 -0.49 14.06 -2.28
CA ALA C 32 -1.66 13.89 -1.43
C ALA C 32 -2.87 13.51 -2.26
N VAL C 33 -3.91 13.04 -1.57
CA VAL C 33 -5.11 12.62 -2.28
C VAL C 33 -5.82 13.85 -2.84
N GLY C 34 -6.37 13.70 -4.05
CA GLY C 34 -7.17 14.78 -4.60
C GLY C 34 -6.41 15.94 -5.15
N VAL C 35 -5.13 15.75 -5.49
CA VAL C 35 -4.41 16.77 -6.23
C VAL C 35 -4.46 16.49 -7.72
N GLY C 36 -4.91 15.31 -8.12
CA GLY C 36 -5.07 15.00 -9.52
C GLY C 36 -3.83 14.36 -10.12
N LYS C 37 -3.23 13.45 -9.37
CA LYS C 37 -2.04 12.73 -9.89
C LYS C 37 -2.53 11.73 -10.93
N SER C 38 -3.70 11.13 -10.72
CA SER C 38 -4.26 10.23 -11.72
C SER C 38 -4.67 11.00 -12.97
N ALA C 39 -5.21 12.21 -12.78
CA ALA C 39 -5.56 13.05 -13.92
C ALA C 39 -4.34 13.36 -14.78
N LEU C 40 -3.23 13.67 -14.14
CA LEU C 40 -1.97 13.98 -14.82
C LEU C 40 -1.45 12.82 -15.66
N THR C 41 -1.68 11.58 -15.24
CA THR C 41 -1.06 10.47 -15.95
C THR C 41 -1.88 10.13 -17.18
N ILE C 42 -3.18 9.97 -17.01
CA ILE C 42 -4.12 9.82 -18.11
C ILE C 42 -3.81 10.83 -19.20
N GLN C 43 -3.69 12.10 -18.84
CA GLN C 43 -3.40 13.14 -19.82
C GLN C 43 -1.99 13.05 -20.40
N LEU C 44 -1.13 12.21 -19.87
CA LEU C 44 0.13 12.03 -20.58
C LEU C 44 -0.01 10.97 -21.64
N ILE C 45 -0.75 9.91 -21.35
CA ILE C 45 -0.85 8.76 -22.25
C ILE C 45 -1.83 9.02 -23.38
N GLN C 46 -3.07 9.33 -23.05
CA GLN C 46 -4.13 9.69 -24.01
C GLN C 46 -3.71 10.58 -25.21
N GLU C 52 -12.49 6.87 -24.80
CA GLU C 52 -12.62 5.95 -23.67
C GLU C 52 -11.27 5.52 -23.08
N TYR C 53 -11.11 5.64 -21.75
CA TYR C 53 -9.92 5.22 -21.01
C TYR C 53 -10.22 3.98 -20.16
N ASP C 54 -9.46 2.90 -20.38
CA ASP C 54 -9.56 1.71 -19.55
C ASP C 54 -8.23 1.43 -18.86
N PRO C 55 -8.18 1.46 -17.51
CA PRO C 55 -6.89 1.34 -16.81
C PRO C 55 -6.49 -0.09 -16.46
N THR C 56 -7.16 -1.08 -17.07
CA THR C 56 -6.72 -2.46 -16.93
C THR C 56 -5.63 -2.80 -17.93
N ILE C 57 -5.73 -2.26 -19.14
CA ILE C 57 -4.81 -2.63 -20.20
C ILE C 57 -3.40 -2.16 -19.86
N GLU C 58 -2.40 -2.85 -20.42
CA GLU C 58 -1.02 -2.46 -20.21
C GLU C 58 -0.71 -1.11 -20.84
N ASP C 59 -1.26 -0.85 -22.03
CA ASP C 59 -1.03 0.42 -22.72
C ASP C 59 -1.48 1.63 -21.91
N SER C 60 -2.18 1.43 -20.78
CA SER C 60 -2.72 2.55 -20.03
C SER C 60 -1.68 3.24 -19.17
N TYR C 61 -0.48 2.65 -19.03
CA TYR C 61 0.58 3.28 -18.24
C TYR C 61 1.97 3.22 -18.86
N ARG C 62 2.11 2.75 -20.11
CA ARG C 62 3.34 2.90 -20.86
C ARG C 62 3.09 3.80 -22.06
N LYS C 63 4.09 4.58 -22.41
CA LYS C 63 3.94 5.43 -23.59
C LYS C 63 5.33 5.58 -24.17
N GLN C 64 5.44 5.30 -25.45
CA GLN C 64 6.62 5.66 -26.20
C GLN C 64 6.58 7.15 -26.46
N VAL C 65 7.65 7.86 -26.10
CA VAL C 65 7.75 9.27 -26.36
C VAL C 65 9.15 9.55 -26.89
N VAL C 66 9.34 10.72 -27.48
CA VAL C 66 10.66 11.18 -27.92
C VAL C 66 10.99 12.47 -27.22
N ILE C 67 11.98 12.42 -26.33
CA ILE C 67 12.41 13.57 -25.55
C ILE C 67 13.81 13.92 -25.98
N ASP C 68 13.99 15.15 -26.47
CA ASP C 68 15.30 15.66 -26.90
C ASP C 68 15.92 14.77 -27.97
N GLY C 69 15.10 14.44 -28.98
CA GLY C 69 15.55 13.59 -30.06
C GLY C 69 15.58 12.12 -29.66
N GLU C 70 16.04 11.82 -28.44
CA GLU C 70 16.15 10.43 -28.03
C GLU C 70 14.79 9.83 -27.71
N THR C 71 14.49 8.70 -28.34
CA THR C 71 13.25 7.98 -28.11
C THR C 71 13.38 7.07 -26.89
N CYS C 72 12.36 7.10 -26.03
CA CYS C 72 12.33 6.31 -24.80
C CYS C 72 10.90 5.88 -24.52
N LEU C 73 10.75 5.06 -23.48
CA LEU C 73 9.47 4.49 -23.12
C LEU C 73 9.21 4.76 -21.64
N LEU C 74 8.17 5.53 -21.36
CA LEU C 74 7.83 5.96 -20.02
C LEU C 74 6.92 4.92 -19.37
N ASP C 75 7.38 4.32 -18.26
CA ASP C 75 6.58 3.39 -17.44
C ASP C 75 6.12 4.12 -16.19
N ILE C 76 4.82 4.41 -16.09
CA ILE C 76 4.33 5.35 -15.11
C ILE C 76 3.48 4.65 -14.06
N LEU C 77 3.93 4.74 -12.80
CA LEU C 77 3.25 4.17 -11.64
C LEU C 77 2.51 5.26 -10.90
N ASP C 78 1.19 5.17 -10.92
CA ASP C 78 0.30 6.10 -10.23
C ASP C 78 -0.66 5.24 -9.42
N THR C 79 -0.78 5.52 -8.12
CA THR C 79 -1.50 4.63 -7.21
C THR C 79 -2.72 5.29 -6.59
N ALA C 80 -3.17 6.41 -7.16
CA ALA C 80 -4.21 7.23 -6.55
C ALA C 80 -5.35 6.34 -6.07
N GLY C 81 -5.83 6.60 -4.87
CA GLY C 81 -6.84 5.78 -4.28
C GLY C 81 -6.33 4.81 -3.23
N GLN C 82 -5.05 4.46 -3.28
CA GLN C 82 -4.44 3.63 -2.25
C GLN C 82 -3.70 4.45 -1.23
N GLU C 83 -4.02 5.75 -1.12
CA GLU C 83 -3.31 6.62 -0.21
C GLU C 83 -3.47 6.16 1.24
N GLU C 84 -4.65 5.66 1.60
CA GLU C 84 -4.88 5.20 2.97
C GLU C 84 -4.02 4.00 3.34
N TYR C 85 -3.48 3.29 2.35
CA TYR C 85 -2.53 2.21 2.59
C TYR C 85 -1.15 2.83 2.84
N SER C 86 -1.01 3.55 3.97
CA SER C 86 0.20 4.34 4.24
C SER C 86 1.45 3.48 4.27
N ALA C 87 1.37 2.28 4.86
CA ALA C 87 2.55 1.44 5.03
C ALA C 87 3.13 0.96 3.71
N MET C 88 2.32 0.93 2.66
CA MET C 88 2.68 0.43 1.33
C MET C 88 3.51 1.44 0.52
N ARG C 89 3.58 2.68 0.98
CA ARG C 89 4.23 3.74 0.23
C ARG C 89 5.71 3.41 -0.05
N ASP C 90 6.46 2.96 0.97
CA ASP C 90 7.89 2.65 0.76
C ASP C 90 8.09 1.64 -0.38
N GLN C 91 7.30 0.55 -0.39
CA GLN C 91 7.37 -0.43 -1.45
C GLN C 91 7.17 0.17 -2.83
N TYR C 92 6.04 0.87 -3.05
CA TYR C 92 5.77 1.44 -4.38
C TYR C 92 6.87 2.39 -4.80
N MET C 93 7.25 3.32 -3.91
CA MET C 93 8.22 4.35 -4.27
C MET C 93 9.51 3.73 -4.74
N ARG C 94 9.83 2.56 -4.20
CA ARG C 94 11.12 1.94 -4.50
C ARG C 94 11.24 1.56 -5.96
N THR C 95 10.10 1.22 -6.61
CA THR C 95 10.15 0.69 -7.97
C THR C 95 10.53 1.72 -9.00
N GLY C 96 10.67 2.99 -8.63
CA GLY C 96 10.85 4.01 -9.62
C GLY C 96 12.11 4.82 -9.46
N GLU C 97 12.59 5.38 -10.57
CA GLU C 97 13.84 6.11 -10.59
C GLU C 97 13.70 7.61 -10.74
N GLY C 98 12.52 8.12 -11.11
CA GLY C 98 12.23 9.52 -10.97
C GLY C 98 10.87 9.72 -10.31
N PHE C 99 10.66 10.92 -9.75
CA PHE C 99 9.42 11.16 -9.02
C PHE C 99 8.81 12.50 -9.38
N LEU C 100 7.54 12.50 -9.76
CA LEU C 100 6.74 13.72 -9.75
C LEU C 100 6.11 13.89 -8.37
N CYS C 101 6.55 14.90 -7.64
CA CYS C 101 5.96 15.24 -6.35
C CYS C 101 4.89 16.28 -6.61
N VAL C 102 3.60 15.85 -6.65
CA VAL C 102 2.49 16.69 -7.09
C VAL C 102 1.77 17.28 -5.89
N PHE C 103 1.37 18.55 -5.98
CA PHE C 103 0.43 19.14 -5.04
C PHE C 103 -0.61 19.94 -5.82
N ALA C 104 -1.74 20.19 -5.18
CA ALA C 104 -2.78 21.02 -5.76
C ALA C 104 -2.55 22.47 -5.36
N ILE C 105 -2.93 23.39 -6.24
CA ILE C 105 -2.72 24.80 -5.94
C ILE C 105 -3.83 25.39 -5.08
N ASN C 106 -5.03 24.90 -5.17
CA ASN C 106 -6.05 25.38 -4.27
C ASN C 106 -5.91 24.78 -2.89
N ASN C 107 -5.08 23.77 -2.73
CA ASN C 107 -4.93 23.04 -1.48
C ASN C 107 -3.62 23.43 -0.84
N THR C 108 -3.68 24.14 0.30
CA THR C 108 -2.42 24.55 0.93
C THR C 108 -1.79 23.42 1.71
N LYS C 109 -2.61 22.68 2.48
CA LYS C 109 -2.15 21.49 3.20
C LYS C 109 -1.26 20.65 2.33
N SER C 110 -1.69 20.39 1.08
CA SER C 110 -0.95 19.50 0.21
C SER C 110 0.41 20.06 -0.15
N PHE C 111 0.49 21.38 -0.31
CA PHE C 111 1.79 21.99 -0.52
C PHE C 111 2.69 21.82 0.70
N GLU C 112 2.13 22.03 1.90
CA GLU C 112 2.91 21.82 3.11
C GLU C 112 3.36 20.38 3.24
N ASP C 113 2.48 19.43 2.92
CA ASP C 113 2.83 18.02 2.97
C ASP C 113 3.86 17.61 1.94
N ILE C 114 4.35 18.52 1.10
CA ILE C 114 5.22 18.06 0.01
C ILE C 114 6.56 17.61 0.55
N HIS C 115 7.10 18.30 1.55
CA HIS C 115 8.47 17.97 1.95
C HIS C 115 8.55 16.55 2.51
N HIS C 116 7.47 16.08 3.13
CA HIS C 116 7.40 14.74 3.68
C HIS C 116 7.60 13.68 2.60
N TYR C 117 6.98 13.86 1.44
CA TYR C 117 7.19 12.93 0.33
C TYR C 117 8.65 12.97 -0.12
N ARG C 118 9.24 14.16 -0.25
CA ARG C 118 10.64 14.24 -0.59
C ARG C 118 11.52 13.57 0.46
N GLU C 119 11.18 13.77 1.75
CA GLU C 119 11.98 13.12 2.79
C GLU C 119 11.90 11.61 2.67
N GLN C 120 10.68 11.10 2.44
CA GLN C 120 10.46 9.67 2.32
C GLN C 120 11.10 9.09 1.06
N ILE C 121 11.07 9.84 -0.03
CA ILE C 121 11.60 9.26 -1.30
C ILE C 121 13.10 9.12 -1.09
N LYS C 122 13.71 10.18 -0.57
CA LYS C 122 15.16 10.09 -0.25
C LYS C 122 15.38 8.86 0.61
N ARG C 123 14.85 8.77 1.81
CA ARG C 123 15.17 7.59 2.65
C ARG C 123 15.20 6.31 1.80
N VAL C 124 14.14 6.02 1.04
CA VAL C 124 14.01 4.73 0.30
C VAL C 124 15.04 4.59 -0.83
N LYS C 125 15.06 5.47 -1.82
CA LYS C 125 16.13 5.33 -2.85
C LYS C 125 17.50 5.30 -2.17
N ASP C 126 17.62 5.89 -0.98
CA ASP C 126 18.86 5.90 -0.17
C ASP C 126 19.82 6.91 -0.79
N SER C 127 19.46 8.19 -0.74
CA SER C 127 20.26 9.17 -1.46
C SER C 127 19.75 10.52 -1.04
N GLU C 128 20.57 11.55 -1.20
CA GLU C 128 20.10 12.91 -0.99
C GLU C 128 19.87 13.62 -2.31
N ASP C 129 20.18 12.97 -3.42
CA ASP C 129 20.03 13.55 -4.76
C ASP C 129 19.30 12.56 -5.67
N VAL C 130 18.07 12.28 -5.27
CA VAL C 130 17.15 11.47 -6.07
C VAL C 130 16.50 12.39 -7.12
N PRO C 131 16.38 11.93 -8.42
CA PRO C 131 15.79 12.80 -9.45
C PRO C 131 14.31 13.06 -9.20
N MET C 132 13.96 14.30 -8.88
CA MET C 132 12.56 14.62 -8.68
C MET C 132 12.30 16.04 -9.16
N VAL C 133 11.08 16.26 -9.63
CA VAL C 133 10.57 17.56 -10.01
C VAL C 133 9.26 17.80 -9.26
N LEU C 134 9.03 19.06 -8.85
CA LEU C 134 7.88 19.43 -8.05
C LEU C 134 6.79 19.99 -8.96
N VAL C 135 5.62 19.36 -8.94
CA VAL C 135 4.55 19.66 -9.87
C VAL C 135 3.38 20.26 -9.10
N GLY C 136 2.96 21.45 -9.50
CA GLY C 136 1.82 22.11 -8.90
C GLY C 136 0.63 22.15 -9.84
N ASN C 137 -0.45 21.48 -9.46
CA ASN C 137 -1.55 21.22 -10.36
C ASN C 137 -2.70 22.17 -10.14
N LYS C 138 -3.36 22.54 -11.22
CA LYS C 138 -4.53 23.40 -11.15
C LYS C 138 -5.78 22.55 -11.32
N CYS C 139 -6.35 22.11 -10.19
CA CYS C 139 -7.76 21.74 -10.09
C CYS C 139 -8.51 23.05 -9.93
N ASP C 140 -9.24 23.44 -10.98
CA ASP C 140 -9.77 24.78 -11.14
C ASP C 140 -10.82 25.13 -10.07
N LEU C 141 -11.12 24.17 -9.19
CA LEU C 141 -12.30 24.11 -8.34
C LEU C 141 -12.47 25.30 -7.38
N PRO C 142 -11.56 25.55 -6.34
CA PRO C 142 -11.67 26.85 -5.61
C PRO C 142 -10.58 27.76 -6.15
N SER C 143 -10.34 28.89 -5.50
CA SER C 143 -9.32 29.76 -6.06
C SER C 143 -7.94 29.35 -5.54
N ARG C 144 -6.92 29.61 -6.37
CA ARG C 144 -5.53 29.35 -6.00
C ARG C 144 -5.23 29.92 -4.63
N THR C 145 -4.52 29.12 -3.80
CA THR C 145 -4.07 29.57 -2.48
C THR C 145 -2.61 29.22 -2.22
N VAL C 146 -1.79 29.03 -3.25
CA VAL C 146 -0.36 28.75 -3.11
C VAL C 146 0.36 29.60 -4.14
N ASP C 147 1.09 30.61 -3.69
CA ASP C 147 1.76 31.47 -4.67
C ASP C 147 2.90 30.78 -5.36
N THR C 148 2.84 30.79 -6.70
CA THR C 148 3.93 30.29 -7.52
C THR C 148 5.30 30.74 -7.01
N LYS C 149 5.37 31.91 -6.37
CA LYS C 149 6.59 32.30 -5.68
C LYS C 149 7.03 31.24 -4.68
N GLN C 150 6.18 30.97 -3.68
CA GLN C 150 6.47 29.96 -2.68
C GLN C 150 6.96 28.67 -3.30
N ALA C 151 6.22 28.14 -4.27
CA ALA C 151 6.59 26.86 -4.87
C ALA C 151 7.99 26.91 -5.47
N GLN C 152 8.31 27.95 -6.25
CA GLN C 152 9.66 28.08 -6.78
C GLN C 152 10.69 28.21 -5.68
N ASP C 153 10.42 29.07 -4.70
CA ASP C 153 11.31 29.22 -3.56
C ASP C 153 11.56 27.89 -2.87
N LEU C 154 10.49 27.14 -2.62
CA LEU C 154 10.64 25.78 -2.13
C LEU C 154 11.46 24.93 -3.10
N ALA C 155 11.13 24.99 -4.38
CA ALA C 155 11.83 24.12 -5.32
C ALA C 155 13.29 24.51 -5.44
N ARG C 156 13.63 25.79 -5.23
CA ARG C 156 15.03 26.21 -5.32
C ARG C 156 15.87 25.57 -4.22
N SER C 157 15.37 25.64 -2.97
CA SER C 157 16.00 24.97 -1.85
C SER C 157 16.26 23.49 -2.12
N TYR C 158 15.25 22.75 -2.57
CA TYR C 158 15.51 21.34 -2.81
C TYR C 158 16.40 21.12 -4.03
N GLY C 159 16.66 22.15 -4.83
CA GLY C 159 17.52 22.04 -6.00
C GLY C 159 16.94 21.26 -7.16
N ILE C 160 15.64 21.44 -7.42
CA ILE C 160 14.85 20.66 -8.38
C ILE C 160 13.97 21.59 -9.20
N PRO C 161 13.55 21.14 -10.39
CA PRO C 161 12.63 21.95 -11.20
C PRO C 161 11.25 22.05 -10.60
N PHE C 162 10.54 23.12 -10.94
CA PHE C 162 9.15 23.34 -10.56
C PHE C 162 8.32 23.61 -11.81
N ILE C 163 7.21 22.89 -11.96
CA ILE C 163 6.38 23.02 -13.15
C ILE C 163 4.92 23.07 -12.73
N GLU C 164 4.18 24.08 -13.19
CA GLU C 164 2.76 24.26 -12.86
C GLU C 164 1.92 23.72 -14.01
N THR C 165 1.01 22.79 -13.72
CA THR C 165 0.25 22.08 -14.74
C THR C 165 -1.25 22.32 -14.59
N SER C 166 -2.00 22.06 -15.66
CA SER C 166 -3.44 22.19 -15.60
C SER C 166 -4.08 20.93 -16.19
N ALA C 167 -4.87 20.22 -15.41
CA ALA C 167 -5.56 19.04 -15.99
C ALA C 167 -6.47 19.47 -17.14
N LYS C 168 -7.50 20.26 -16.85
CA LYS C 168 -8.51 20.62 -17.87
C LYS C 168 -7.93 21.36 -19.09
N THR C 169 -6.63 21.25 -19.35
CA THR C 169 -6.05 22.04 -20.48
C THR C 169 -4.77 21.37 -20.99
N ARG C 170 -4.36 20.27 -20.38
CA ARG C 170 -3.13 19.56 -20.70
C ARG C 170 -1.92 20.48 -20.68
N GLN C 171 -2.06 21.72 -20.21
CA GLN C 171 -0.97 22.69 -20.27
C GLN C 171 0.13 22.25 -19.32
N GLY C 172 1.29 21.95 -19.89
CA GLY C 172 2.50 21.55 -19.19
C GLY C 172 2.46 20.16 -18.53
N VAL C 173 1.50 19.30 -18.89
CA VAL C 173 1.60 17.90 -18.47
C VAL C 173 2.78 17.26 -19.18
N ASP C 174 2.83 17.40 -20.50
CA ASP C 174 4.00 16.86 -21.25
C ASP C 174 5.28 17.49 -20.69
N ASP C 175 5.18 18.66 -20.07
CA ASP C 175 6.37 19.34 -19.60
C ASP C 175 6.93 18.78 -18.29
N ALA C 176 6.05 18.59 -17.30
CA ALA C 176 6.44 17.89 -16.08
C ALA C 176 7.15 16.56 -16.39
N PHE C 177 6.49 15.65 -17.11
CA PHE C 177 7.06 14.32 -17.32
C PHE C 177 8.38 14.38 -18.08
N TYR C 178 8.41 15.09 -19.22
CA TYR C 178 9.65 15.19 -19.99
C TYR C 178 10.80 15.80 -19.15
N THR C 179 10.50 16.81 -18.35
CA THR C 179 11.52 17.40 -17.47
C THR C 179 12.03 16.40 -16.44
N LEU C 180 11.15 15.55 -15.90
CA LEU C 180 11.63 14.52 -14.99
C LEU C 180 12.63 13.60 -15.67
N VAL C 181 12.27 13.07 -16.84
CA VAL C 181 13.22 12.31 -17.65
C VAL C 181 14.52 13.06 -17.85
N ARG C 182 14.47 14.39 -17.97
CA ARG C 182 15.71 15.15 -18.11
C ARG C 182 16.56 15.10 -16.83
N GLU C 183 15.93 15.23 -15.64
CA GLU C 183 16.67 15.12 -14.40
C GLU C 183 17.25 13.72 -14.23
N ILE C 184 16.50 12.72 -14.68
CA ILE C 184 17.01 11.35 -14.61
C ILE C 184 18.27 11.21 -15.45
N ARG C 185 18.27 11.90 -16.58
CA ARG C 185 19.43 11.78 -17.52
C ARG C 185 20.62 12.57 -16.96
N GLN D 3 27.45 18.95 13.13
CA GLN D 3 27.18 18.34 14.43
C GLN D 3 28.20 17.28 14.89
N LEU D 4 28.59 17.29 16.18
CA LEU D 4 29.59 16.37 16.70
C LEU D 4 29.13 15.75 18.02
N VAL D 5 29.85 14.70 18.45
CA VAL D 5 29.62 13.98 19.70
C VAL D 5 30.94 13.78 20.45
N GLU D 6 30.93 13.97 21.79
CA GLU D 6 32.13 14.12 22.62
C GLU D 6 32.09 13.14 23.81
N SER D 7 33.16 13.11 24.60
CA SER D 7 33.28 12.14 25.69
C SER D 7 34.22 12.64 26.79
N GLY D 8 33.96 12.21 28.04
CA GLY D 8 34.80 12.58 29.16
C GLY D 8 34.79 11.54 30.28
N GLY D 9 35.93 10.87 30.53
CA GLY D 9 36.03 9.73 31.43
C GLY D 9 37.41 9.49 32.02
N GLY D 10 38.06 8.37 31.67
CA GLY D 10 39.45 8.14 32.13
C GLY D 10 39.71 6.74 32.66
N LEU D 11 40.67 6.60 33.58
CA LEU D 11 41.02 5.27 34.17
C LEU D 11 40.80 5.30 35.69
N VAL D 12 40.38 4.18 36.26
CA VAL D 12 40.07 4.16 37.73
C VAL D 12 40.07 2.70 38.21
N GLN D 13 40.18 2.49 39.52
CA GLN D 13 40.26 1.13 40.06
C GLN D 13 38.90 0.55 40.38
N ALA D 14 38.87 -0.77 40.61
CA ALA D 14 37.66 -1.54 40.86
C ALA D 14 36.76 -1.01 41.97
N GLU D 15 35.45 -1.22 41.84
CA GLU D 15 34.43 -0.68 42.75
C GLU D 15 34.29 0.84 42.59
N GLY D 16 34.75 1.41 41.47
CA GLY D 16 34.79 2.85 41.29
C GLY D 16 33.45 3.46 40.91
N SER D 17 33.53 4.73 40.52
CA SER D 17 32.34 5.52 40.22
C SER D 17 32.64 6.49 39.08
N LEU D 18 33.05 5.94 37.94
CA LEU D 18 33.35 6.76 36.78
C LEU D 18 32.08 7.27 36.07
N ARG D 19 32.07 8.57 35.74
CA ARG D 19 30.97 9.21 35.01
C ARG D 19 31.45 9.70 33.65
N LEU D 20 30.61 9.49 32.63
CA LEU D 20 30.92 9.73 31.23
C LEU D 20 30.01 10.80 30.65
N SER D 21 30.50 11.56 29.68
CA SER D 21 29.74 12.67 29.10
C SER D 21 29.68 12.62 27.56
N CYS D 22 28.72 13.36 27.02
CA CYS D 22 28.56 13.49 25.56
C CYS D 22 28.01 14.88 25.28
N LEU D 23 28.58 15.60 24.31
CA LEU D 23 27.98 16.91 23.93
C LEU D 23 27.42 16.76 22.52
N VAL D 24 26.10 16.93 22.37
CA VAL D 24 25.49 16.65 21.03
C VAL D 24 25.63 17.87 20.12
N SER D 25 26.21 18.97 20.61
CA SER D 25 26.44 20.12 19.73
C SER D 25 25.20 20.35 18.84
N ARG D 30 14.92 15.41 17.48
CA ARG D 30 13.89 15.33 18.53
C ARG D 30 13.21 13.96 18.72
N SER D 31 12.69 13.41 17.63
CA SER D 31 12.29 12.00 17.60
C SER D 31 13.58 11.21 17.33
N ASN D 32 14.37 11.07 18.40
CA ASN D 32 15.69 10.40 18.27
C ASN D 32 15.89 9.34 19.34
N LEU D 33 17.07 8.73 19.36
CA LEU D 33 17.39 7.70 20.39
C LEU D 33 18.91 7.68 20.57
N MET D 34 19.38 7.65 21.81
CA MET D 34 20.82 7.68 22.05
C MET D 34 21.22 6.69 23.14
N GLY D 35 22.49 6.29 23.07
CA GLY D 35 23.00 5.30 24.00
C GLY D 35 24.53 5.21 24.05
N TRP D 36 24.99 4.12 24.69
CA TRP D 36 26.40 3.85 24.93
C TRP D 36 26.72 2.47 24.41
N TYR D 37 27.95 2.33 23.94
CA TYR D 37 28.47 1.06 23.47
C TYR D 37 29.90 0.99 23.95
N ARG D 38 30.41 -0.22 24.19
CA ARG D 38 31.80 -0.38 24.59
C ARG D 38 32.44 -1.46 23.75
N GLN D 39 33.73 -1.28 23.45
CA GLN D 39 34.53 -2.27 22.73
C GLN D 39 35.68 -2.71 23.61
N ALA D 40 35.55 -3.92 24.18
CA ALA D 40 36.61 -4.64 24.86
C ALA D 40 37.59 -5.20 23.83
N PRO D 41 38.89 -5.10 24.08
CA PRO D 41 39.88 -5.41 23.03
C PRO D 41 39.85 -6.88 22.66
N GLY D 42 39.92 -7.13 21.34
CA GLY D 42 39.82 -8.48 20.81
C GLY D 42 38.42 -9.04 20.78
N LYS D 43 37.42 -8.28 21.22
CA LYS D 43 36.04 -8.74 21.29
C LYS D 43 35.16 -7.82 20.45
N GLN D 44 33.95 -8.31 20.11
CA GLN D 44 33.01 -7.58 19.27
C GLN D 44 32.40 -6.42 20.03
N ARG D 45 32.08 -5.36 19.30
CA ARG D 45 31.43 -4.22 19.93
C ARG D 45 30.12 -4.66 20.56
N GLU D 46 29.77 -4.01 21.67
CA GLU D 46 28.69 -4.45 22.54
C GLU D 46 27.81 -3.26 22.87
N PHE D 47 26.52 -3.50 22.94
CA PHE D 47 25.57 -2.53 23.44
C PHE D 47 25.63 -2.55 24.95
N VAL D 48 25.60 -1.38 25.58
CA VAL D 48 25.49 -1.29 27.04
C VAL D 48 24.14 -0.73 27.47
N ALA D 49 23.71 0.40 26.89
CA ALA D 49 22.43 0.96 27.32
C ALA D 49 21.94 2.06 26.36
N ARG D 50 20.63 2.38 26.47
CA ARG D 50 19.95 3.34 25.59
C ARG D 50 18.85 4.07 26.35
N ILE D 51 18.44 5.23 25.82
CA ILE D 51 17.20 5.91 26.27
C ILE D 51 16.48 6.18 24.94
N ASN D 52 15.47 5.38 24.65
CA ASN D 52 14.41 5.87 23.79
C ASN D 52 13.59 6.85 24.63
N PRO D 53 13.59 8.16 24.32
CA PRO D 53 12.90 9.13 25.17
C PRO D 53 11.49 8.63 25.44
N THR D 54 11.03 7.65 24.64
CA THR D 54 9.64 7.15 24.77
C THR D 54 9.53 6.13 25.89
N GLY D 55 9.43 6.58 27.14
CA GLY D 55 9.22 5.62 28.24
C GLY D 55 10.38 5.61 29.24
N SER D 56 11.46 4.88 28.92
CA SER D 56 12.53 4.75 29.91
C SER D 56 13.75 4.18 29.19
N ALA D 57 14.72 3.67 29.96
CA ALA D 57 15.97 3.14 29.42
C ALA D 57 16.23 1.65 29.66
N ASN D 58 16.96 1.05 28.74
CA ASN D 58 17.28 -0.37 28.75
C ASN D 58 18.78 -0.51 28.94
N TYR D 59 19.21 -1.55 29.67
CA TYR D 59 20.61 -1.80 29.94
C TYR D 59 21.01 -3.17 29.41
N ALA D 60 22.31 -3.34 29.16
CA ALA D 60 22.82 -4.66 28.80
C ALA D 60 22.79 -5.57 30.02
N ASP D 61 22.74 -6.88 29.74
CA ASP D 61 22.63 -7.85 30.84
C ASP D 61 23.83 -7.82 31.77
N SER D 62 25.03 -7.62 31.21
CA SER D 62 26.24 -7.50 32.01
C SER D 62 26.12 -6.47 33.12
N VAL D 63 25.33 -5.42 32.91
CA VAL D 63 25.55 -4.21 33.70
C VAL D 63 24.30 -3.74 34.45
N ARG D 64 23.40 -4.68 34.78
CA ARG D 64 22.01 -4.36 35.15
C ARG D 64 21.94 -3.23 36.19
N GLY D 65 22.50 -3.46 37.38
CA GLY D 65 22.18 -2.63 38.53
C GLY D 65 23.36 -1.78 38.89
N ARG D 66 24.40 -1.85 38.07
CA ARG D 66 25.64 -1.09 38.34
C ARG D 66 25.64 0.21 37.52
N PHE D 67 25.06 0.18 36.32
CA PHE D 67 25.11 1.36 35.45
C PHE D 67 23.75 2.05 35.35
N THR D 68 23.77 3.32 34.94
CA THR D 68 22.53 4.12 34.84
C THR D 68 22.71 5.23 33.81
N ILE D 69 21.75 5.44 32.92
CA ILE D 69 21.90 6.45 31.85
C ILE D 69 21.07 7.69 32.18
N SER D 70 21.35 8.83 31.52
CA SER D 70 20.52 10.04 31.72
C SER D 70 20.93 11.14 30.74
N LYS D 71 20.13 12.20 30.67
CA LYS D 71 20.44 13.34 29.79
C LYS D 71 19.94 14.61 30.46
N ASP D 72 20.75 15.66 30.52
CA ASP D 72 20.24 16.95 31.04
C ASP D 72 19.80 17.78 29.84
N ASN D 73 18.62 17.49 29.29
CA ASN D 73 18.18 18.20 28.06
C ASN D 73 18.57 19.67 28.14
N SER D 74 18.50 20.27 29.33
CA SER D 74 18.93 21.68 29.52
C SER D 74 20.35 21.85 28.96
N LYS D 75 21.28 20.99 29.38
CA LYS D 75 22.66 21.04 28.79
C LYS D 75 22.77 19.86 27.82
N LYS D 76 22.97 20.13 26.54
CA LYS D 76 23.04 19.06 25.51
C LYS D 76 24.05 17.99 25.95
N THR D 77 23.73 17.23 26.99
CA THR D 77 24.67 16.24 27.50
C THR D 77 24.00 14.91 27.82
N LEU D 78 24.79 13.84 27.72
CA LEU D 78 24.35 12.47 27.99
C LEU D 78 25.40 11.77 28.82
N TYR D 79 24.97 11.14 29.92
CA TYR D 79 25.86 10.46 30.86
C TYR D 79 25.57 8.98 30.95
N LEU D 80 26.63 8.19 31.06
CA LEU D 80 26.56 6.84 31.63
C LEU D 80 27.27 6.90 32.97
N GLN D 81 26.53 6.63 34.04
CA GLN D 81 27.11 6.50 35.36
C GLN D 81 27.58 5.07 35.57
N MET D 82 28.87 4.90 35.80
CA MET D 82 29.42 3.58 36.04
C MET D 82 29.76 3.46 37.51
N GLY D 83 29.10 2.54 38.21
CA GLY D 83 29.36 2.31 39.61
C GLY D 83 29.57 0.82 39.87
N SER D 84 30.21 0.48 41.00
CA SER D 84 30.52 -0.95 41.25
C SER D 84 31.24 -1.50 40.02
N LEU D 85 32.30 -0.83 39.59
CA LEU D 85 33.05 -1.24 38.37
C LEU D 85 33.80 -2.54 38.62
N GLN D 86 34.24 -3.21 37.56
CA GLN D 86 34.98 -4.49 37.69
C GLN D 86 36.14 -4.47 36.71
N PRO D 87 36.92 -5.57 36.56
CA PRO D 87 38.00 -5.62 35.55
C PRO D 87 37.46 -5.82 34.14
N GLU D 88 36.31 -6.50 34.03
CA GLU D 88 35.82 -7.00 32.75
C GLU D 88 35.28 -5.89 31.85
N ASP D 89 34.94 -4.75 32.42
CA ASP D 89 34.44 -3.62 31.69
C ASP D 89 35.54 -2.75 31.09
N THR D 90 36.73 -3.31 30.91
CA THR D 90 37.82 -2.54 30.33
C THR D 90 37.57 -2.43 28.83
N ALA D 91 37.22 -1.23 28.38
CA ALA D 91 36.82 -1.09 27.00
C ALA D 91 36.85 0.39 26.64
N VAL D 92 36.97 0.66 25.34
CA VAL D 92 36.64 1.97 24.81
C VAL D 92 35.12 2.10 24.75
N TYR D 93 34.62 3.26 25.16
CA TYR D 93 33.21 3.45 25.45
C TYR D 93 32.66 4.54 24.54
N TYR D 94 31.78 4.14 23.62
CA TYR D 94 31.34 5.03 22.56
C TYR D 94 29.98 5.63 22.91
N CYS D 95 29.82 6.89 22.53
CA CYS D 95 28.60 7.67 22.62
C CYS D 95 27.88 7.65 21.27
N ARG D 96 26.56 7.48 21.27
CA ARG D 96 25.88 7.29 19.97
C ARG D 96 24.43 7.79 19.95
N LEU D 97 24.11 8.64 18.97
CA LEU D 97 22.81 9.30 18.85
C LEU D 97 22.22 9.08 17.47
N ILE D 98 21.14 8.28 17.38
CA ILE D 98 20.43 8.03 16.11
C ILE D 98 19.23 8.96 16.02
N GLN D 99 19.33 9.96 15.14
CA GLN D 99 18.16 10.86 14.86
C GLN D 99 17.65 10.50 13.47
N ASN D 100 18.46 10.72 12.43
CA ASN D 100 18.12 10.26 11.06
C ASN D 100 19.42 9.70 10.51
N ARG D 101 20.51 9.92 11.26
CA ARG D 101 21.85 9.41 10.87
C ARG D 101 22.45 8.81 12.14
N ASP D 102 23.36 7.86 11.99
CA ASP D 102 24.07 7.27 13.14
C ASP D 102 25.22 8.21 13.46
N TYR D 103 25.03 9.13 14.38
CA TYR D 103 26.16 10.00 14.79
C TYR D 103 26.93 9.27 15.89
N TRP D 104 28.13 8.76 15.60
CA TRP D 104 28.80 8.05 16.72
C TRP D 104 29.83 8.97 17.39
N GLY D 105 30.65 8.42 18.28
CA GLY D 105 31.69 9.21 18.97
C GLY D 105 33.01 8.47 18.95
N GLN D 106 34.13 9.18 19.15
CA GLN D 106 35.46 8.53 19.05
C GLN D 106 35.57 7.48 20.16
N GLY D 107 35.15 7.82 21.38
CA GLY D 107 35.13 6.82 22.47
C GLY D 107 36.30 6.89 23.42
N THR D 108 36.14 7.55 24.57
CA THR D 108 37.20 7.56 25.58
C THR D 108 37.51 6.14 26.09
N GLN D 109 38.74 5.97 26.54
CA GLN D 109 39.17 4.69 27.10
C GLN D 109 38.78 4.61 28.57
N VAL D 110 38.44 3.40 29.00
CA VAL D 110 38.19 3.14 30.40
C VAL D 110 38.77 1.77 30.71
N THR D 111 39.87 1.80 31.48
CA THR D 111 40.53 0.54 31.92
C THR D 111 40.47 0.52 33.45
N VAL D 112 40.10 -0.62 34.04
CA VAL D 112 39.91 -0.69 35.51
C VAL D 112 40.88 -1.73 36.10
N SER D 113 41.64 -1.33 37.12
CA SER D 113 42.58 -2.27 37.80
C SER D 113 42.00 -2.65 39.17
N SER D 114 42.61 -3.61 39.86
CA SER D 114 42.02 -4.10 41.13
C SER D 114 42.69 -3.48 42.36
N HIS D 115 43.88 -2.91 42.23
CA HIS D 115 44.59 -2.41 43.42
C HIS D 115 44.78 -3.47 44.53
#